data_9JDN
#
_entry.id   9JDN
#
_cell.length_a   78.840
_cell.length_b   56.570
_cell.length_c   125.630
_cell.angle_alpha   90.000
_cell.angle_beta   102.263
_cell.angle_gamma   90.000
#
_symmetry.space_group_name_H-M   'P 1 21 1'
#
loop_
_entity.id
_entity.type
_entity.pdbx_description
1 polymer 'Alanine--tRNA ligase'
2 non-polymer "ADENOSINE-5'-TRIPHOSPHATE"
3 non-polymer ALANINE
4 non-polymer 'CITRIC ACID'
5 non-polymer 2-AMINO-2-HYDROXYMETHYL-PROPANE-1,3-DIOL
6 non-polymer GLYCEROL
7 water water
#
_entity_poly.entity_id   1
_entity_poly.type   'polypeptide(L)'
_entity_poly.pdbx_seq_one_letter_code
;MTSAEIRAAFLEFFRQRGHAVRPSSSLVPGNDPTLLFTNAGMVQFKDVFLGREKVDFNRAATSQRCVRAGGKHNDLENVG
YTARHHTFFEMLGNFSFGDYFKRDAINFAWDFLTKEMGIPPAKLWVTVFDEDSEAEAIWLEEVKIDPTRFSRIGAKDNFW
AMGDVGPCGPCTEIFYDHGEHVAGGPPGSPDEDGDRYIEIWNLVFMQYERDKDGNLTPMPAPSVDTGMGLERIAAVMQGV
HSNYEIDIFQNLVKTAAALAGTTDLSNSSLRVIADHIRSCAFLVADGVLPSNEGRGYVLRRIVRRAIRHGYRLGIQDTFF
YKLVAPLAAEMGAAYPELVKAQEQVERVLKKEEERFAETLGQGMKILENCVAKLDGHVIPGDVVFLLYDTYGFPVDLTAD
FAREHNLSVDHAGFEVEMSAQRDRARAGGHHHHHH
;
_entity_poly.pdbx_strand_id   A,B
#
loop_
_chem_comp.id
_chem_comp.type
_chem_comp.name
_chem_comp.formula
ATP non-polymer ADENOSINE-5'-TRIPHOSPHATE 'C10 H16 N5 O13 P3'
CIT non-polymer 'CITRIC ACID' 'C6 H8 O7'
GOL non-polymer GLYCEROL 'C3 H8 O3'
TRS non-polymer 2-AMINO-2-HYDROXYMETHYL-PROPANE-1,3-DIOL 'C4 H12 N O3 1'
#
# COMPACT_ATOMS: atom_id res chain seq x y z
N MET A 1 -34.17 3.50 -14.95
CA MET A 1 -34.22 4.75 -14.20
C MET A 1 -33.04 5.63 -14.61
N THR A 2 -33.31 6.85 -15.07
CA THR A 2 -32.25 7.71 -15.56
C THR A 2 -31.42 8.25 -14.39
N SER A 3 -30.26 8.82 -14.73
CA SER A 3 -29.37 9.32 -13.69
C SER A 3 -30.02 10.47 -12.94
N ALA A 4 -30.71 11.35 -13.65
CA ALA A 4 -31.36 12.48 -13.00
C ALA A 4 -32.47 12.02 -12.06
N GLU A 5 -33.20 10.97 -12.47
CA GLU A 5 -34.24 10.40 -11.61
C GLU A 5 -33.65 9.82 -10.33
N ILE A 6 -32.46 9.21 -10.43
CA ILE A 6 -31.81 8.60 -9.27
C ILE A 6 -31.28 9.68 -8.34
N ARG A 7 -30.64 10.71 -8.92
CA ARG A 7 -30.17 11.85 -8.14
C ARG A 7 -31.30 12.48 -7.34
N ALA A 8 -32.44 12.72 -8.00
CA ALA A 8 -33.57 13.33 -7.29
C ALA A 8 -34.16 12.36 -6.28
N ALA A 9 -34.32 11.08 -6.64
CA ALA A 9 -34.86 10.12 -5.67
C ALA A 9 -33.98 10.03 -4.42
N PHE A 10 -32.65 10.02 -4.59
CA PHE A 10 -31.73 10.04 -3.46
C PHE A 10 -31.99 11.22 -2.55
N LEU A 11 -31.99 12.43 -3.13
CA LEU A 11 -32.16 13.65 -2.34
C LEU A 11 -33.54 13.72 -1.70
N GLU A 12 -34.57 13.25 -2.41
CA GLU A 12 -35.91 13.29 -1.85
C GLU A 12 -36.05 12.31 -0.68
N PHE A 13 -35.40 11.15 -0.79
CA PHE A 13 -35.43 10.16 0.29
C PHE A 13 -34.88 10.74 1.59
N PHE A 14 -33.81 11.52 1.51
CA PHE A 14 -33.23 12.06 2.74
C PHE A 14 -33.91 13.34 3.19
N ARG A 15 -34.46 14.12 2.26
CA ARG A 15 -35.28 15.28 2.63
C ARG A 15 -36.48 14.85 3.47
N GLN A 16 -37.16 13.77 3.03
CA GLN A 16 -38.24 13.18 3.78
C GLN A 16 -37.81 12.78 5.19
N ARG A 17 -36.55 12.41 5.38
CA ARG A 17 -36.03 12.08 6.69
C ARG A 17 -35.36 13.27 7.38
N GLY A 18 -35.76 14.48 6.99
CA GLY A 18 -35.35 15.66 7.72
C GLY A 18 -33.97 16.18 7.38
N HIS A 19 -33.40 15.78 6.25
CA HIS A 19 -32.12 16.31 5.80
C HIS A 19 -32.31 17.59 4.99
N ALA A 20 -31.53 18.62 5.31
CA ALA A 20 -31.52 19.82 4.51
C ALA A 20 -30.83 19.54 3.18
N VAL A 21 -31.57 19.65 2.09
CA VAL A 21 -30.98 19.45 0.77
C VAL A 21 -30.17 20.68 0.41
N ARG A 22 -28.85 20.51 0.21
CA ARG A 22 -28.02 21.66 -0.10
C ARG A 22 -27.39 21.54 -1.49
N PRO A 23 -27.04 22.66 -2.11
CA PRO A 23 -26.39 22.58 -3.43
C PRO A 23 -24.97 22.06 -3.33
N SER A 24 -24.51 21.47 -4.43
CA SER A 24 -23.09 21.15 -4.58
C SER A 24 -22.22 22.37 -4.32
N SER A 25 -21.04 22.13 -3.74
CA SER A 25 -20.06 23.21 -3.72
C SER A 25 -19.28 23.22 -5.02
N SER A 26 -18.45 24.24 -5.17
CA SER A 26 -17.62 24.34 -6.35
C SER A 26 -16.52 23.27 -6.33
N LEU A 27 -15.97 22.97 -7.51
CA LEU A 27 -14.78 22.12 -7.60
C LEU A 27 -13.53 22.79 -7.02
N VAL A 28 -13.54 24.11 -6.89
CA VAL A 28 -12.45 24.85 -6.25
C VAL A 28 -12.82 25.05 -4.79
N PRO A 29 -12.20 24.35 -3.85
CA PRO A 29 -12.62 24.48 -2.44
C PRO A 29 -12.16 25.81 -1.88
N GLY A 30 -13.03 26.43 -1.06
CA GLY A 30 -12.69 27.64 -0.35
C GLY A 30 -12.03 27.46 1.02
N ASN A 31 -12.67 26.68 1.88
CA ASN A 31 -12.21 26.42 3.23
C ASN A 31 -11.04 25.43 3.30
N ASP A 32 -10.28 25.27 2.22
CA ASP A 32 -9.20 24.28 2.22
C ASP A 32 -8.21 24.58 1.10
N PRO A 33 -7.29 25.53 1.29
CA PRO A 33 -6.42 25.92 0.16
C PRO A 33 -5.43 24.84 -0.26
N THR A 34 -5.04 23.95 0.66
CA THR A 34 -4.09 22.88 0.38
C THR A 34 -4.64 21.84 -0.60
N LEU A 35 -5.96 21.71 -0.71
CA LEU A 35 -6.60 20.70 -1.54
C LEU A 35 -6.76 21.25 -2.96
N LEU A 36 -6.38 20.44 -3.93
CA LEU A 36 -6.46 20.85 -5.33
C LEU A 36 -7.91 21.06 -5.77
N PHE A 37 -8.68 19.98 -5.84
CA PHE A 37 -10.08 20.07 -6.22
C PHE A 37 -10.99 19.37 -5.21
N THR A 38 -12.22 19.83 -5.16
CA THR A 38 -13.23 19.15 -4.37
C THR A 38 -13.35 17.70 -4.81
N ASN A 39 -13.06 16.79 -3.90
CA ASN A 39 -13.00 15.37 -4.22
C ASN A 39 -14.02 14.55 -3.45
N ALA A 40 -14.94 15.18 -2.72
CA ALA A 40 -15.92 14.47 -1.91
C ALA A 40 -17.01 15.43 -1.47
N GLY A 41 -18.20 14.90 -1.20
CA GLY A 41 -19.25 15.74 -0.62
C GLY A 41 -18.86 16.30 0.73
N MET A 42 -17.86 15.72 1.39
CA MET A 42 -17.46 16.12 2.72
C MET A 42 -16.86 17.52 2.75
N VAL A 43 -16.19 17.95 1.67
CA VAL A 43 -15.25 19.06 1.74
C VAL A 43 -15.94 20.33 2.22
N GLN A 44 -17.10 20.67 1.63
CA GLN A 44 -17.74 21.91 2.05
C GLN A 44 -18.31 21.84 3.46
N PHE A 45 -18.46 20.65 4.03
CA PHE A 45 -18.95 20.52 5.39
C PHE A 45 -17.82 20.27 6.38
N LYS A 46 -16.57 20.34 5.92
CA LYS A 46 -15.42 20.01 6.76
C LYS A 46 -15.40 20.83 8.06
N ASP A 47 -15.62 22.15 7.95
CA ASP A 47 -15.59 22.99 9.14
C ASP A 47 -16.79 22.73 10.06
N VAL A 48 -17.92 22.27 9.50
CA VAL A 48 -19.02 21.88 10.37
C VAL A 48 -18.66 20.63 11.16
N PHE A 49 -18.06 19.64 10.51
CA PHE A 49 -17.66 18.44 11.24
C PHE A 49 -16.61 18.77 12.32
N LEU A 50 -15.75 19.73 12.06
CA LEU A 50 -14.74 20.15 13.03
C LEU A 50 -15.30 21.02 14.14
N GLY A 51 -16.56 21.46 14.03
CA GLY A 51 -17.08 22.40 15.00
C GLY A 51 -16.60 23.83 14.84
N ARG A 52 -15.95 24.15 13.73
CA ARG A 52 -15.46 25.51 13.49
C ARG A 52 -16.50 26.40 12.84
N GLU A 53 -17.51 25.82 12.21
CA GLU A 53 -18.59 26.56 11.55
C GLU A 53 -19.93 26.08 12.08
N LYS A 54 -20.85 27.00 12.30
CA LYS A 54 -22.19 26.68 12.74
C LYS A 54 -23.17 26.86 11.58
N VAL A 55 -24.03 25.86 11.39
CA VAL A 55 -25.12 25.94 10.43
C VAL A 55 -26.39 25.56 11.17
N ASP A 56 -27.54 26.01 10.66
CA ASP A 56 -28.80 25.75 11.35
C ASP A 56 -29.51 24.48 10.87
N PHE A 57 -28.76 23.46 10.50
CA PHE A 57 -29.27 22.12 10.25
C PHE A 57 -28.24 21.10 10.76
N ASN A 58 -28.73 20.02 11.36
CA ASN A 58 -27.82 18.97 11.84
C ASN A 58 -27.88 17.71 10.99
N ARG A 59 -28.63 17.73 9.89
CA ARG A 59 -28.55 16.69 8.86
C ARG A 59 -28.75 17.33 7.48
N ALA A 60 -27.89 16.94 6.54
CA ALA A 60 -27.86 17.47 5.18
C ALA A 60 -27.77 16.33 4.16
N ALA A 61 -28.07 16.65 2.90
CA ALA A 61 -27.83 15.75 1.79
C ALA A 61 -27.49 16.55 0.54
N THR A 62 -26.51 16.07 -0.26
CA THR A 62 -26.10 16.75 -1.47
C THR A 62 -25.75 15.75 -2.57
N SER A 63 -25.83 16.23 -3.81
CA SER A 63 -25.12 15.62 -4.93
C SER A 63 -23.94 16.52 -5.25
N GLN A 64 -22.73 16.02 -5.00
CA GLN A 64 -21.54 16.84 -5.02
C GLN A 64 -20.73 16.55 -6.27
N ARG A 65 -20.38 17.59 -7.01
CA ARG A 65 -19.46 17.41 -8.13
C ARG A 65 -18.03 17.29 -7.61
N CYS A 66 -17.34 16.25 -8.06
CA CYS A 66 -16.00 15.94 -7.60
C CYS A 66 -15.06 15.68 -8.76
N VAL A 67 -13.80 16.05 -8.60
CA VAL A 67 -12.72 15.63 -9.49
C VAL A 67 -11.65 14.94 -8.67
N ARG A 68 -11.24 13.76 -9.12
CA ARG A 68 -10.12 13.02 -8.56
C ARG A 68 -9.07 12.86 -9.67
N ALA A 69 -8.19 13.85 -9.78
CA ALA A 69 -7.09 13.84 -10.74
C ALA A 69 -5.79 14.35 -10.12
N GLY A 70 -5.67 14.34 -8.79
CA GLY A 70 -4.47 14.79 -8.10
C GLY A 70 -4.49 14.47 -6.61
N ASN A 74 -6.51 10.04 -6.56
CA ASN A 74 -6.13 10.25 -7.96
C ASN A 74 -6.51 9.05 -8.83
N ASP A 75 -7.37 9.31 -9.81
CA ASP A 75 -7.96 8.29 -10.66
C ASP A 75 -7.75 8.55 -12.15
N LEU A 76 -6.87 9.51 -12.50
CA LEU A 76 -6.67 9.87 -13.90
C LEU A 76 -6.17 8.70 -14.73
N GLU A 77 -5.30 7.87 -14.16
CA GLU A 77 -4.74 6.75 -14.91
C GLU A 77 -5.68 5.55 -15.00
N ASN A 78 -6.80 5.55 -14.27
CA ASN A 78 -7.78 4.49 -14.42
C ASN A 78 -8.82 4.77 -15.51
N VAL A 79 -8.95 6.02 -15.98
CA VAL A 79 -9.99 6.39 -16.93
C VAL A 79 -9.76 5.68 -18.25
N GLY A 80 -10.81 5.00 -18.74
CA GLY A 80 -10.75 4.22 -19.95
C GLY A 80 -10.29 2.79 -19.76
N TYR A 81 -9.63 2.47 -18.65
CA TYR A 81 -9.13 1.13 -18.38
C TYR A 81 -10.00 0.34 -17.41
N THR A 82 -10.94 0.99 -16.72
CA THR A 82 -11.83 0.27 -15.84
C THR A 82 -13.26 0.71 -16.13
N ALA A 83 -14.20 -0.12 -15.72
CA ALA A 83 -15.62 0.17 -15.88
C ALA A 83 -16.13 1.17 -14.86
N ARG A 84 -15.30 1.56 -13.87
CA ARG A 84 -15.82 2.25 -12.69
C ARG A 84 -15.16 3.59 -12.35
N HIS A 85 -14.12 4.02 -13.07
CA HIS A 85 -13.37 5.21 -12.68
C HIS A 85 -13.57 6.39 -13.63
N HIS A 86 -13.74 7.57 -13.04
CA HIS A 86 -13.78 8.84 -13.74
C HIS A 86 -12.80 9.82 -13.11
N THR A 87 -12.48 10.88 -13.86
CA THR A 87 -11.93 12.06 -13.19
C THR A 87 -13.06 12.87 -12.58
N PHE A 88 -14.07 13.23 -13.37
CA PHE A 88 -15.23 13.95 -12.86
C PHE A 88 -16.34 12.96 -12.55
N PHE A 89 -16.91 13.06 -11.35
CA PHE A 89 -18.10 12.29 -11.01
C PHE A 89 -18.92 13.04 -9.98
N GLU A 90 -20.16 12.59 -9.79
CA GLU A 90 -21.05 13.12 -8.75
C GLU A 90 -21.11 12.16 -7.56
N MET A 91 -20.89 12.68 -6.35
CA MET A 91 -21.00 11.89 -5.13
C MET A 91 -22.29 12.24 -4.38
N LEU A 92 -23.21 11.27 -4.29
CA LEU A 92 -24.43 11.39 -3.49
C LEU A 92 -24.08 11.13 -2.02
N GLY A 93 -24.37 12.08 -1.15
CA GLY A 93 -24.04 11.95 0.25
C GLY A 93 -25.18 12.36 1.16
N ASN A 94 -25.25 11.71 2.32
CA ASN A 94 -26.00 12.22 3.47
C ASN A 94 -25.04 12.43 4.64
N PHE A 95 -25.33 13.43 5.44
CA PHE A 95 -24.42 13.87 6.49
C PHE A 95 -25.19 14.01 7.80
N SER A 96 -24.58 13.56 8.89
CA SER A 96 -25.08 13.79 10.24
C SER A 96 -24.04 14.60 10.99
N PHE A 97 -24.43 15.76 11.49
CA PHE A 97 -23.52 16.61 12.26
C PHE A 97 -23.85 16.42 13.73
N GLY A 98 -23.29 15.36 14.31
CA GLY A 98 -23.60 15.01 15.67
C GLY A 98 -25.03 14.65 15.92
N ASP A 99 -25.77 14.19 14.91
CA ASP A 99 -27.16 13.80 15.12
C ASP A 99 -27.26 12.28 15.19
N TYR A 100 -27.79 11.60 14.17
CA TYR A 100 -27.77 10.14 14.22
C TYR A 100 -26.34 9.61 13.97
N PHE A 101 -26.17 8.31 14.15
CA PHE A 101 -24.86 7.69 14.04
C PHE A 101 -24.97 6.38 13.25
N LYS A 102 -24.37 5.29 13.72
CA LYS A 102 -24.23 4.11 12.85
C LYS A 102 -25.57 3.48 12.51
N ARG A 103 -26.45 3.31 13.52
CA ARG A 103 -27.70 2.58 13.33
C ARG A 103 -28.59 3.22 12.27
N ASP A 104 -28.81 4.53 12.37
CA ASP A 104 -29.65 5.18 11.37
C ASP A 104 -28.97 5.24 10.00
N ALA A 105 -27.65 5.49 9.97
CA ALA A 105 -26.96 5.57 8.68
C ALA A 105 -27.06 4.26 7.91
N ILE A 106 -26.87 3.14 8.61
CA ILE A 106 -26.92 1.83 7.97
C ILE A 106 -28.33 1.54 7.44
N ASN A 107 -29.35 1.76 8.26
CA ASN A 107 -30.71 1.49 7.81
C ASN A 107 -31.11 2.43 6.68
N PHE A 108 -30.74 3.71 6.75
CA PHE A 108 -31.04 4.63 5.66
C PHE A 108 -30.50 4.11 4.34
N ALA A 109 -29.23 3.67 4.34
CA ALA A 109 -28.57 3.22 3.12
C ALA A 109 -29.17 1.91 2.63
N TRP A 110 -29.38 0.95 3.53
CA TRP A 110 -29.95 -0.33 3.14
C TRP A 110 -31.38 -0.16 2.65
N ASP A 111 -32.17 0.68 3.34
CA ASP A 111 -33.53 0.95 2.87
C ASP A 111 -33.52 1.56 1.48
N PHE A 112 -32.69 2.58 1.25
CA PHE A 112 -32.67 3.21 -0.05
C PHE A 112 -32.30 2.23 -1.16
N LEU A 113 -31.30 1.36 -0.93
CA LEU A 113 -30.86 0.45 -1.97
C LEU A 113 -31.88 -0.66 -2.20
N THR A 114 -32.42 -1.26 -1.14
CA THR A 114 -33.27 -2.44 -1.29
C THR A 114 -34.76 -2.11 -1.35
N LYS A 115 -35.20 -0.96 -0.84
CA LYS A 115 -36.63 -0.64 -0.88
C LYS A 115 -36.97 0.49 -1.85
N GLU A 116 -36.31 1.65 -1.77
CA GLU A 116 -36.54 2.68 -2.77
C GLU A 116 -36.10 2.21 -4.15
N MET A 117 -34.87 1.70 -4.26
CA MET A 117 -34.30 1.31 -5.55
C MET A 117 -34.60 -0.11 -5.95
N GLY A 118 -35.08 -0.94 -5.02
CA GLY A 118 -35.45 -2.30 -5.33
C GLY A 118 -34.31 -3.24 -5.65
N ILE A 119 -33.09 -2.92 -5.24
CA ILE A 119 -32.00 -3.85 -5.58
C ILE A 119 -32.09 -5.08 -4.68
N PRO A 120 -32.07 -6.28 -5.23
CA PRO A 120 -32.19 -7.50 -4.41
C PRO A 120 -30.98 -7.67 -3.51
N PRO A 121 -31.19 -8.01 -2.25
CA PRO A 121 -30.06 -8.24 -1.34
C PRO A 121 -29.06 -9.27 -1.83
N ALA A 122 -29.49 -10.19 -2.71
CA ALA A 122 -28.56 -11.20 -3.19
C ALA A 122 -27.47 -10.61 -4.07
N LYS A 123 -27.65 -9.39 -4.57
CA LYS A 123 -26.65 -8.73 -5.39
C LYS A 123 -25.77 -7.76 -4.62
N LEU A 124 -25.92 -7.66 -3.30
CA LEU A 124 -25.17 -6.70 -2.51
C LEU A 124 -24.19 -7.40 -1.57
N TRP A 125 -23.12 -6.71 -1.26
CA TRP A 125 -22.07 -7.23 -0.40
C TRP A 125 -21.65 -6.10 0.54
N VAL A 126 -21.46 -6.43 1.81
CA VAL A 126 -21.22 -5.42 2.84
C VAL A 126 -19.87 -5.70 3.50
N THR A 127 -19.12 -4.63 3.77
CA THR A 127 -17.90 -4.73 4.55
C THR A 127 -17.96 -3.77 5.74
N VAL A 128 -17.32 -4.20 6.82
CA VAL A 128 -17.11 -3.40 8.02
C VAL A 128 -15.62 -3.46 8.35
N PHE A 129 -15.19 -2.48 9.15
CA PHE A 129 -13.90 -2.54 9.79
C PHE A 129 -13.85 -3.77 10.69
N ASP A 130 -12.76 -4.54 10.60
CA ASP A 130 -12.69 -5.77 11.37
C ASP A 130 -12.53 -5.52 12.87
N GLU A 131 -12.41 -4.26 13.32
CA GLU A 131 -12.44 -3.95 14.73
C GLU A 131 -13.68 -3.15 15.11
N ASP A 132 -14.68 -3.12 14.25
CA ASP A 132 -15.93 -2.37 14.50
C ASP A 132 -17.04 -3.39 14.77
N SER A 133 -17.23 -3.73 16.05
CA SER A 133 -18.25 -4.71 16.39
C SER A 133 -19.64 -4.11 16.40
N GLU A 134 -19.78 -2.80 16.60
CA GLU A 134 -21.10 -2.19 16.54
C GLU A 134 -21.68 -2.31 15.15
N ALA A 135 -20.90 -1.94 14.13
CA ALA A 135 -21.42 -1.99 12.77
C ALA A 135 -21.71 -3.43 12.33
N GLU A 136 -20.85 -4.37 12.73
CA GLU A 136 -21.09 -5.78 12.48
C GLU A 136 -22.41 -6.24 13.11
N ALA A 137 -22.61 -5.90 14.38
CA ALA A 137 -23.84 -6.29 15.07
C ALA A 137 -25.08 -5.65 14.43
N ILE A 138 -24.98 -4.37 14.02
CA ILE A 138 -26.15 -3.75 13.39
C ILE A 138 -26.49 -4.46 12.09
N TRP A 139 -25.47 -4.76 11.28
CA TRP A 139 -25.72 -5.39 9.99
C TRP A 139 -26.23 -6.82 10.15
N LEU A 140 -25.55 -7.62 10.99
CA LEU A 140 -25.81 -9.06 11.03
C LEU A 140 -26.98 -9.41 11.95
N GLU A 141 -27.17 -8.67 13.03
CA GLU A 141 -28.17 -9.01 14.03
C GLU A 141 -29.45 -8.18 13.93
N GLU A 142 -29.37 -6.94 13.45
CA GLU A 142 -30.55 -6.07 13.32
C GLU A 142 -31.11 -6.07 11.90
N VAL A 143 -30.32 -5.65 10.92
CA VAL A 143 -30.76 -5.71 9.53
C VAL A 143 -30.90 -7.16 9.07
N LYS A 144 -30.05 -8.06 9.58
CA LYS A 144 -30.05 -9.50 9.27
C LYS A 144 -29.68 -9.75 7.82
N ILE A 145 -28.59 -9.14 7.36
CA ILE A 145 -28.17 -9.40 5.99
C ILE A 145 -27.53 -10.77 5.91
N ASP A 146 -27.53 -11.32 4.71
CA ASP A 146 -26.91 -12.62 4.43
C ASP A 146 -25.46 -12.58 4.87
N PRO A 147 -25.05 -13.39 5.85
CA PRO A 147 -23.66 -13.30 6.35
C PRO A 147 -22.62 -13.85 5.39
N THR A 148 -23.01 -14.59 4.36
CA THR A 148 -22.01 -15.07 3.42
C THR A 148 -21.62 -14.02 2.39
N ARG A 149 -22.41 -12.95 2.28
CA ARG A 149 -22.06 -11.85 1.40
C ARG A 149 -21.66 -10.66 2.26
N PHE A 150 -20.62 -10.87 3.09
CA PHE A 150 -20.18 -10.01 4.19
C PHE A 150 -18.68 -10.21 4.44
N SER A 151 -17.93 -9.13 4.68
CA SER A 151 -16.50 -9.24 4.95
C SER A 151 -16.04 -8.24 6.01
N ARG A 152 -15.03 -8.64 6.79
CA ARG A 152 -14.40 -7.80 7.80
C ARG A 152 -13.01 -7.38 7.31
N ILE A 153 -12.82 -6.09 7.08
CA ILE A 153 -11.66 -5.57 6.37
C ILE A 153 -10.81 -4.70 7.30
N GLY A 154 -9.48 -4.69 7.06
CA GLY A 154 -8.54 -3.97 7.90
C GLY A 154 -8.57 -2.47 7.69
N ALA A 155 -7.68 -1.78 8.42
CA ALA A 155 -7.74 -0.32 8.50
C ALA A 155 -7.45 0.38 7.17
N LYS A 156 -6.74 -0.26 6.24
CA LYS A 156 -6.37 0.49 5.05
C LYS A 156 -7.60 0.86 4.23
N ASP A 157 -8.57 -0.05 4.14
CA ASP A 157 -9.76 0.22 3.36
C ASP A 157 -10.96 0.70 4.18
N ASN A 158 -11.07 0.32 5.46
CA ASN A 158 -12.27 0.59 6.24
C ASN A 158 -11.99 1.42 7.50
N PHE A 159 -10.88 2.16 7.57
CA PHE A 159 -10.68 3.14 8.63
C PHE A 159 -10.24 4.48 8.03
N TRP A 160 -10.90 5.55 8.45
CA TRP A 160 -10.75 6.87 7.85
C TRP A 160 -10.25 7.86 8.90
N ALA A 161 -9.51 8.87 8.45
CA ALA A 161 -9.09 9.99 9.29
C ALA A 161 -9.09 11.26 8.46
N MET A 162 -9.61 12.35 9.04
CA MET A 162 -9.63 13.62 8.31
C MET A 162 -8.22 14.11 8.02
N GLY A 163 -7.28 13.80 8.91
CA GLY A 163 -5.90 14.20 8.76
C GLY A 163 -5.11 13.63 9.90
N ASP A 164 -3.87 14.10 10.05
CA ASP A 164 -3.05 13.63 11.16
C ASP A 164 -3.67 13.97 12.50
N VAL A 165 -4.41 15.07 12.55
CA VAL A 165 -5.17 15.42 13.74
C VAL A 165 -6.63 15.57 13.34
N GLY A 166 -7.51 15.40 14.32
CA GLY A 166 -8.92 15.57 14.11
C GLY A 166 -9.71 14.27 14.12
N PRO A 167 -10.92 14.32 13.58
CA PRO A 167 -11.82 13.17 13.64
C PRO A 167 -11.34 12.00 12.80
N CYS A 168 -11.66 10.80 13.29
CA CYS A 168 -11.39 9.55 12.57
C CYS A 168 -12.38 8.50 13.07
N GLY A 169 -12.40 7.35 12.40
CA GLY A 169 -13.25 6.26 12.83
C GLY A 169 -13.49 5.24 11.73
N PRO A 170 -14.28 4.21 12.03
CA PRO A 170 -14.47 3.11 11.07
C PRO A 170 -15.45 3.48 9.97
N CYS A 171 -15.42 2.68 8.91
CA CYS A 171 -16.28 2.82 7.74
C CYS A 171 -16.96 1.51 7.42
N THR A 172 -18.16 1.58 6.86
CA THR A 172 -18.78 0.40 6.31
C THR A 172 -19.16 0.71 4.87
N GLU A 173 -19.10 -0.31 4.02
CA GLU A 173 -19.19 -0.12 2.57
C GLU A 173 -20.13 -1.15 1.97
N ILE A 174 -20.89 -0.70 0.97
CA ILE A 174 -21.83 -1.57 0.28
C ILE A 174 -21.36 -1.70 -1.15
N PHE A 175 -21.30 -2.95 -1.65
CA PHE A 175 -20.82 -3.25 -2.98
C PHE A 175 -21.95 -3.89 -3.79
N TYR A 176 -21.90 -3.73 -5.11
CA TYR A 176 -22.86 -4.38 -5.99
C TYR A 176 -22.14 -5.45 -6.78
N ASP A 177 -22.76 -6.62 -6.86
CA ASP A 177 -22.20 -7.78 -7.56
C ASP A 177 -22.71 -7.74 -9.00
N HIS A 178 -21.83 -7.38 -9.94
CA HIS A 178 -22.21 -7.36 -11.35
C HIS A 178 -22.28 -8.76 -11.98
N GLY A 179 -21.95 -9.83 -11.26
CA GLY A 179 -22.20 -11.17 -11.73
C GLY A 179 -20.95 -11.83 -12.32
N GLU A 180 -21.09 -13.13 -12.60
CA GLU A 180 -19.96 -13.96 -13.02
C GLU A 180 -19.45 -13.63 -14.42
N HIS A 181 -20.19 -12.84 -15.21
CA HIS A 181 -19.69 -12.43 -16.51
C HIS A 181 -18.61 -11.37 -16.43
N VAL A 182 -18.44 -10.70 -15.29
CA VAL A 182 -17.37 -9.73 -15.10
C VAL A 182 -16.33 -10.38 -14.20
N ALA A 183 -15.07 -10.16 -14.53
CA ALA A 183 -13.97 -10.75 -13.79
C ALA A 183 -13.79 -10.01 -12.46
N GLY A 184 -13.47 -10.77 -11.42
CA GLY A 184 -13.19 -10.21 -10.11
C GLY A 184 -13.79 -11.06 -9.00
N GLY A 185 -13.33 -10.81 -7.77
CA GLY A 185 -13.82 -11.48 -6.60
C GLY A 185 -14.35 -10.50 -5.56
N PRO A 186 -15.02 -11.02 -4.53
CA PRO A 186 -15.66 -10.15 -3.54
C PRO A 186 -14.64 -9.37 -2.72
N PRO A 187 -15.07 -8.33 -2.01
CA PRO A 187 -14.14 -7.57 -1.17
C PRO A 187 -13.44 -8.46 -0.14
N GLY A 188 -12.12 -8.34 -0.09
CA GLY A 188 -11.31 -9.18 0.76
C GLY A 188 -10.67 -10.36 0.06
N SER A 189 -11.06 -10.67 -1.19
CA SER A 189 -10.45 -11.75 -1.95
C SER A 189 -9.24 -11.23 -2.73
N PRO A 190 -8.38 -12.13 -3.23
CA PRO A 190 -7.17 -11.67 -3.94
C PRO A 190 -7.45 -10.81 -5.17
N ASP A 191 -8.53 -11.07 -5.91
CA ASP A 191 -8.90 -10.25 -7.07
C ASP A 191 -10.08 -9.32 -6.76
N GLU A 192 -10.09 -8.74 -5.55
CA GLU A 192 -11.10 -7.75 -5.19
C GLU A 192 -11.08 -6.53 -6.09
N ASP A 193 -9.92 -6.21 -6.68
CA ASP A 193 -9.81 -5.04 -7.55
C ASP A 193 -10.59 -5.17 -8.86
N GLY A 194 -11.03 -6.38 -9.24
CA GLY A 194 -11.78 -6.51 -10.48
C GLY A 194 -13.08 -5.74 -10.43
N ASP A 195 -13.68 -5.54 -11.60
CA ASP A 195 -14.88 -4.71 -11.72
C ASP A 195 -16.15 -5.49 -11.42
N ARG A 196 -16.05 -6.73 -10.93
CA ARG A 196 -17.27 -7.48 -10.69
C ARG A 196 -18.02 -6.95 -9.47
N TYR A 197 -17.31 -6.78 -8.35
CA TYR A 197 -17.89 -6.24 -7.13
C TYR A 197 -17.48 -4.77 -7.01
N ILE A 198 -18.39 -3.88 -7.35
CA ILE A 198 -18.11 -2.44 -7.44
C ILE A 198 -18.58 -1.78 -6.15
N GLU A 199 -17.69 -1.01 -5.52
CA GLU A 199 -18.06 -0.25 -4.33
C GLU A 199 -19.08 0.82 -4.71
N ILE A 200 -20.27 0.75 -4.13
CA ILE A 200 -21.36 1.67 -4.45
C ILE A 200 -21.45 2.80 -3.44
N TRP A 201 -21.35 2.50 -2.15
CA TRP A 201 -21.71 3.47 -1.13
C TRP A 201 -20.75 3.28 0.04
N ASN A 202 -20.17 4.38 0.49
CA ASN A 202 -19.19 4.37 1.56
C ASN A 202 -19.75 5.15 2.74
N LEU A 203 -19.84 4.51 3.90
CA LEU A 203 -20.37 5.16 5.08
C LEU A 203 -19.22 5.34 6.06
N VAL A 204 -18.88 6.60 6.35
CA VAL A 204 -17.80 6.97 7.27
C VAL A 204 -18.40 7.36 8.62
N PHE A 205 -17.90 6.75 9.70
CA PHE A 205 -18.37 7.02 11.05
C PHE A 205 -17.30 7.78 11.80
N MET A 206 -17.57 9.05 12.07
CA MET A 206 -16.63 9.90 12.79
C MET A 206 -16.81 9.63 14.28
N GLN A 207 -15.87 8.89 14.87
CA GLN A 207 -16.07 8.32 16.19
C GLN A 207 -15.04 8.73 17.23
N TYR A 208 -13.82 9.11 16.81
CA TYR A 208 -12.74 9.45 17.72
C TYR A 208 -12.09 10.77 17.30
N GLU A 209 -11.32 11.37 18.22
CA GLU A 209 -10.49 12.53 17.94
C GLU A 209 -9.04 12.18 18.23
N ARG A 210 -8.13 12.50 17.31
CA ARG A 210 -6.70 12.37 17.55
C ARG A 210 -6.08 13.75 17.66
N ASP A 211 -5.26 13.97 18.68
CA ASP A 211 -4.65 15.29 18.89
C ASP A 211 -3.21 15.31 18.35
N LYS A 212 -2.55 16.47 18.55
CA LYS A 212 -1.20 16.68 18.04
C LYS A 212 -0.25 15.60 18.53
N ASP A 213 -0.38 15.20 19.78
CA ASP A 213 0.52 14.22 20.37
C ASP A 213 0.17 12.80 20.02
N GLY A 214 -0.93 12.58 19.30
CA GLY A 214 -1.34 11.25 18.87
C GLY A 214 -2.34 10.55 19.75
N ASN A 215 -2.87 11.23 20.78
CA ASN A 215 -3.81 10.62 21.71
C ASN A 215 -5.19 10.50 21.07
N LEU A 216 -5.84 9.36 21.29
CA LEU A 216 -7.24 9.17 20.90
C LEU A 216 -8.19 9.48 22.04
N THR A 217 -9.25 10.22 21.74
CA THR A 217 -10.36 10.44 22.64
C THR A 217 -11.67 10.24 21.89
N PRO A 218 -12.77 9.98 22.61
CA PRO A 218 -14.07 9.90 21.94
C PRO A 218 -14.45 11.22 21.31
N MET A 219 -15.08 11.15 20.15
CA MET A 219 -15.58 12.38 19.55
C MET A 219 -16.79 12.86 20.32
N PRO A 220 -16.83 14.13 20.75
CA PRO A 220 -17.95 14.60 21.56
C PRO A 220 -19.30 14.40 20.91
N ALA A 221 -19.42 14.73 19.61
CA ALA A 221 -20.66 14.50 18.86
C ALA A 221 -20.36 13.59 17.69
N PRO A 222 -20.50 12.28 17.88
CA PRO A 222 -20.22 11.34 16.78
C PRO A 222 -21.04 11.67 15.54
N SER A 223 -20.39 11.70 14.38
CA SER A 223 -20.98 12.22 13.15
C SER A 223 -20.91 11.20 12.02
N VAL A 224 -21.64 11.46 10.95
CA VAL A 224 -21.69 10.55 9.82
C VAL A 224 -21.47 11.33 8.53
N ASP A 225 -20.62 10.80 7.66
CA ASP A 225 -20.44 11.29 6.31
C ASP A 225 -20.49 10.09 5.38
N THR A 226 -21.38 10.12 4.38
CA THR A 226 -21.45 9.04 3.39
C THR A 226 -21.26 9.63 2.01
N GLY A 227 -20.93 8.74 1.05
CA GLY A 227 -20.79 9.12 -0.33
C GLY A 227 -21.05 7.92 -1.25
N MET A 228 -21.89 8.11 -2.26
CA MET A 228 -22.21 7.05 -3.24
C MET A 228 -22.08 7.63 -4.65
N GLY A 229 -21.32 6.95 -5.50
CA GLY A 229 -21.11 7.44 -6.85
C GLY A 229 -22.37 7.32 -7.67
N LEU A 230 -22.85 8.44 -8.24
CA LEU A 230 -24.10 8.43 -8.99
C LEU A 230 -24.00 7.55 -10.22
N GLU A 231 -22.85 7.56 -10.89
CA GLU A 231 -22.72 6.81 -12.14
C GLU A 231 -22.69 5.30 -11.88
N ARG A 232 -22.02 4.89 -10.80
CA ARG A 232 -21.97 3.47 -10.47
C ARG A 232 -23.37 2.94 -10.11
N ILE A 233 -24.15 3.71 -9.33
CA ILE A 233 -25.50 3.21 -9.04
C ILE A 233 -26.38 3.35 -10.27
N ALA A 234 -26.14 4.36 -11.13
CA ALA A 234 -26.91 4.45 -12.37
C ALA A 234 -26.66 3.23 -13.26
N ALA A 235 -25.42 2.72 -13.27
CA ALA A 235 -25.12 1.53 -14.05
C ALA A 235 -25.88 0.32 -13.51
N VAL A 236 -25.92 0.19 -12.17
CA VAL A 236 -26.75 -0.85 -11.56
C VAL A 236 -28.20 -0.71 -11.98
N MET A 237 -28.76 0.50 -11.86
CA MET A 237 -30.17 0.72 -12.11
C MET A 237 -30.54 0.69 -13.59
N GLN A 238 -29.58 0.73 -14.51
CA GLN A 238 -29.88 0.67 -15.93
C GLN A 238 -29.44 -0.66 -16.52
N GLY A 239 -28.97 -1.57 -15.66
CA GLY A 239 -28.66 -2.92 -16.05
C GLY A 239 -27.39 -3.05 -16.87
N VAL A 240 -26.45 -2.11 -16.73
CA VAL A 240 -25.23 -2.14 -17.53
C VAL A 240 -24.03 -2.36 -16.60
N HIS A 241 -22.93 -2.83 -17.21
CA HIS A 241 -21.72 -3.15 -16.45
C HIS A 241 -20.86 -1.92 -16.19
N SER A 242 -20.70 -1.07 -17.21
CA SER A 242 -19.77 0.06 -17.20
C SER A 242 -20.48 1.38 -16.97
N ASN A 243 -19.84 2.25 -16.17
CA ASN A 243 -20.30 3.63 -16.04
C ASN A 243 -20.53 4.29 -17.39
N TYR A 244 -19.66 4.02 -18.37
CA TYR A 244 -19.75 4.71 -19.64
C TYR A 244 -20.95 4.25 -20.48
N GLU A 245 -21.71 3.26 -20.03
CA GLU A 245 -22.90 2.80 -20.73
C GLU A 245 -24.20 3.43 -20.21
N ILE A 246 -24.15 4.28 -19.18
CA ILE A 246 -25.38 4.85 -18.64
C ILE A 246 -25.87 5.96 -19.54
N ASP A 247 -27.11 6.41 -19.29
CA ASP A 247 -27.78 7.39 -20.15
C ASP A 247 -26.97 8.68 -20.30
N ILE A 248 -26.35 9.13 -19.21
CA ILE A 248 -25.73 10.46 -19.16
C ILE A 248 -24.41 10.52 -19.91
N PHE A 249 -23.89 9.38 -20.36
CA PHE A 249 -22.70 9.31 -21.16
C PHE A 249 -22.97 9.04 -22.63
N GLN A 250 -24.22 8.72 -23.01
CA GLN A 250 -24.50 8.26 -24.36
C GLN A 250 -24.31 9.37 -25.37
N ASN A 251 -24.91 10.55 -25.12
CA ASN A 251 -24.73 11.67 -26.03
C ASN A 251 -23.27 12.05 -26.16
N LEU A 252 -22.51 11.99 -25.06
CA LEU A 252 -21.09 12.31 -25.11
C LEU A 252 -20.34 11.32 -26.00
N VAL A 253 -20.53 10.03 -25.76
CA VAL A 253 -19.79 9.04 -26.55
C VAL A 253 -20.24 9.07 -28.01
N LYS A 254 -21.54 9.24 -28.25
CA LYS A 254 -22.02 9.33 -29.61
C LYS A 254 -21.44 10.54 -30.34
N THR A 255 -21.35 11.69 -29.67
CA THR A 255 -20.78 12.86 -30.32
C THR A 255 -19.29 12.67 -30.59
N ALA A 256 -18.54 12.18 -29.60
CA ALA A 256 -17.14 11.86 -29.86
C ALA A 256 -17.01 10.92 -31.04
N ALA A 257 -17.83 9.88 -31.08
CA ALA A 257 -17.76 8.97 -32.21
C ALA A 257 -18.00 9.69 -33.52
N ALA A 258 -18.98 10.63 -33.54
CA ALA A 258 -19.30 11.35 -34.76
C ALA A 258 -18.12 12.19 -35.24
N LEU A 259 -17.42 12.82 -34.30
CA LEU A 259 -16.24 13.59 -34.65
C LEU A 259 -15.09 12.71 -35.13
N ALA A 260 -15.00 11.48 -34.63
CA ALA A 260 -13.94 10.58 -35.06
C ALA A 260 -14.32 9.79 -36.30
N GLY A 261 -15.56 9.93 -36.79
CA GLY A 261 -16.01 9.19 -37.95
C GLY A 261 -16.12 7.68 -37.77
N THR A 262 -16.35 7.20 -36.56
CA THR A 262 -16.46 5.76 -36.34
C THR A 262 -17.79 5.37 -35.70
N THR A 263 -18.15 4.12 -35.94
CA THR A 263 -19.30 3.45 -35.32
C THR A 263 -18.89 2.52 -34.20
N ASP A 264 -17.59 2.28 -34.03
CA ASP A 264 -17.10 1.45 -32.95
C ASP A 264 -17.17 2.21 -31.63
N LEU A 265 -18.33 2.14 -30.99
CA LEU A 265 -18.56 2.77 -29.70
C LEU A 265 -17.82 2.06 -28.57
N SER A 266 -17.05 1.02 -28.87
CA SER A 266 -16.27 0.37 -27.83
C SER A 266 -14.84 0.90 -27.77
N ASN A 267 -14.47 1.81 -28.66
CA ASN A 267 -13.11 2.34 -28.64
C ASN A 267 -12.85 3.10 -27.35
N SER A 268 -11.77 2.75 -26.65
CA SER A 268 -11.56 3.31 -25.32
C SER A 268 -11.20 4.79 -25.34
N SER A 269 -10.65 5.31 -26.45
CA SER A 269 -10.36 6.74 -26.49
C SER A 269 -11.63 7.59 -26.47
N LEU A 270 -12.74 7.08 -27.03
CA LEU A 270 -14.02 7.78 -26.93
C LEU A 270 -14.43 7.96 -25.47
N ARG A 271 -14.28 6.90 -24.65
CA ARG A 271 -14.63 6.99 -23.24
C ARG A 271 -13.72 7.95 -22.50
N VAL A 272 -12.43 7.96 -22.84
CA VAL A 272 -11.49 8.91 -22.24
C VAL A 272 -11.89 10.34 -22.57
N ILE A 273 -12.20 10.60 -23.85
CA ILE A 273 -12.64 11.92 -24.26
C ILE A 273 -13.96 12.30 -23.57
N ALA A 274 -14.89 11.35 -23.49
CA ALA A 274 -16.15 11.64 -22.83
C ALA A 274 -15.94 11.96 -21.35
N ASP A 275 -15.03 11.23 -20.69
CA ASP A 275 -14.75 11.54 -19.29
C ASP A 275 -14.11 12.92 -19.16
N HIS A 276 -13.09 13.19 -20.00
CA HIS A 276 -12.29 14.40 -19.85
C HIS A 276 -13.09 15.65 -20.15
N ILE A 277 -14.05 15.59 -21.08
CA ILE A 277 -14.83 16.81 -21.29
C ILE A 277 -15.65 17.14 -20.04
N ARG A 278 -16.11 16.13 -19.31
CA ARG A 278 -16.87 16.42 -18.09
C ARG A 278 -16.00 17.14 -17.06
N SER A 279 -14.80 16.62 -16.80
CA SER A 279 -13.95 17.30 -15.82
C SER A 279 -13.48 18.67 -16.34
N CYS A 280 -13.08 18.75 -17.63
CA CYS A 280 -12.54 20.01 -18.14
C CYS A 280 -13.60 21.09 -18.23
N ALA A 281 -14.76 20.76 -18.77
CA ALA A 281 -15.85 21.73 -18.87
C ALA A 281 -16.29 22.22 -17.50
N PHE A 282 -16.56 21.29 -16.56
CA PHE A 282 -17.02 21.71 -15.26
C PHE A 282 -15.97 22.52 -14.54
N LEU A 283 -14.69 22.18 -14.74
CA LEU A 283 -13.60 22.96 -14.14
C LEU A 283 -13.53 24.36 -14.72
N VAL A 284 -13.64 24.49 -16.04
CA VAL A 284 -13.65 25.83 -16.63
C VAL A 284 -14.85 26.62 -16.11
N ALA A 285 -16.01 25.97 -15.99
CA ALA A 285 -17.19 26.68 -15.50
C ALA A 285 -17.04 27.12 -14.05
N ASP A 286 -16.15 26.50 -13.27
CA ASP A 286 -15.88 26.94 -11.90
C ASP A 286 -14.72 27.94 -11.83
N GLY A 287 -14.23 28.39 -12.98
CA GLY A 287 -13.28 29.48 -13.04
C GLY A 287 -11.84 29.07 -13.32
N VAL A 288 -11.54 27.78 -13.34
CA VAL A 288 -10.15 27.40 -13.56
C VAL A 288 -9.80 27.68 -15.02
N LEU A 289 -8.60 28.22 -15.26
CA LEU A 289 -8.08 28.54 -16.58
C LEU A 289 -6.77 27.80 -16.83
N PRO A 290 -6.52 27.32 -18.04
CA PRO A 290 -5.29 26.58 -18.31
C PRO A 290 -4.05 27.44 -18.04
N SER A 291 -3.02 26.80 -17.48
CA SER A 291 -1.76 27.48 -17.15
C SER A 291 -0.70 26.42 -16.87
N ASN A 292 0.48 26.88 -16.47
CA ASN A 292 1.60 25.99 -16.15
C ASN A 292 1.80 25.78 -14.65
N GLU A 293 0.81 26.08 -13.82
CA GLU A 293 0.96 26.03 -12.37
C GLU A 293 -0.31 25.54 -11.72
N GLY A 294 -0.16 24.80 -10.62
CA GLY A 294 -1.27 24.52 -9.73
C GLY A 294 -2.49 23.93 -10.41
N ARG A 295 -3.66 24.47 -10.04
CA ARG A 295 -4.93 23.98 -10.57
C ARG A 295 -5.00 24.13 -12.09
N GLY A 296 -4.43 25.23 -12.61
CA GLY A 296 -4.46 25.47 -14.03
C GLY A 296 -3.68 24.47 -14.85
N TYR A 297 -2.59 23.91 -14.29
CA TYR A 297 -1.83 22.89 -14.99
C TYR A 297 -2.55 21.54 -14.98
N VAL A 298 -3.25 21.22 -13.89
CA VAL A 298 -4.02 19.99 -13.87
C VAL A 298 -5.04 20.01 -14.99
N LEU A 299 -5.74 21.14 -15.14
CA LEU A 299 -6.69 21.32 -16.25
C LEU A 299 -5.98 21.18 -17.60
N ARG A 300 -4.86 21.90 -17.77
CA ARG A 300 -4.06 21.80 -19.00
C ARG A 300 -3.69 20.34 -19.28
N ARG A 301 -3.24 19.64 -18.25
CA ARG A 301 -2.83 18.25 -18.43
C ARG A 301 -3.97 17.42 -18.98
N ILE A 302 -5.18 17.56 -18.40
CA ILE A 302 -6.32 16.77 -18.81
C ILE A 302 -6.80 17.15 -20.21
N VAL A 303 -6.86 18.45 -20.52
CA VAL A 303 -7.21 18.86 -21.88
C VAL A 303 -6.26 18.23 -22.89
N ARG A 304 -4.97 18.42 -22.67
CA ARG A 304 -4.02 17.96 -23.68
C ARG A 304 -4.06 16.45 -23.84
N ARG A 305 -4.37 15.71 -22.76
CA ARG A 305 -4.47 14.26 -22.90
C ARG A 305 -5.69 13.87 -23.72
N ALA A 306 -6.82 14.58 -23.54
CA ALA A 306 -7.98 14.35 -24.38
C ALA A 306 -7.66 14.66 -25.84
N ILE A 307 -6.96 15.76 -26.09
CA ILE A 307 -6.55 16.09 -27.45
C ILE A 307 -5.66 14.99 -28.03
N ARG A 308 -4.68 14.51 -27.25
CA ARG A 308 -3.84 13.41 -27.73
C ARG A 308 -4.67 12.18 -28.08
N HIS A 309 -5.76 11.92 -27.36
CA HIS A 309 -6.59 10.77 -27.72
C HIS A 309 -7.38 11.03 -29.00
N GLY A 310 -7.79 12.28 -29.25
CA GLY A 310 -8.36 12.62 -30.53
C GLY A 310 -7.36 12.45 -31.67
N TYR A 311 -6.09 12.78 -31.41
CA TYR A 311 -5.05 12.46 -32.40
C TYR A 311 -5.01 10.95 -32.66
N ARG A 312 -5.05 10.15 -31.59
CA ARG A 312 -5.05 8.71 -31.78
C ARG A 312 -6.22 8.25 -32.65
N LEU A 313 -7.39 8.86 -32.48
CA LEU A 313 -8.51 8.53 -33.35
C LEU A 313 -8.42 9.19 -34.72
N GLY A 314 -7.42 10.03 -34.98
CA GLY A 314 -7.33 10.61 -36.29
C GLY A 314 -8.21 11.81 -36.53
N ILE A 315 -8.69 12.47 -35.47
CA ILE A 315 -9.60 13.59 -35.66
C ILE A 315 -8.86 14.74 -36.35
N GLN A 316 -9.52 15.35 -37.33
CA GLN A 316 -8.86 16.27 -38.25
C GLN A 316 -8.93 17.72 -37.81
N ASP A 317 -10.06 18.16 -37.26
CA ASP A 317 -10.29 19.55 -36.89
C ASP A 317 -10.44 19.69 -35.38
N THR A 318 -10.15 20.91 -34.88
CA THR A 318 -10.31 21.20 -33.46
C THR A 318 -11.67 20.70 -33.00
N PHE A 319 -11.69 19.93 -31.91
CA PHE A 319 -12.89 19.15 -31.61
C PHE A 319 -13.36 19.22 -30.17
N PHE A 320 -12.42 19.34 -29.21
CA PHE A 320 -12.78 19.09 -27.81
C PHE A 320 -13.91 20.02 -27.36
N TYR A 321 -13.84 21.30 -27.75
CA TYR A 321 -14.85 22.28 -27.35
C TYR A 321 -16.24 21.92 -27.85
N LYS A 322 -16.35 21.12 -28.92
CA LYS A 322 -17.65 20.76 -29.44
C LYS A 322 -18.45 19.86 -28.51
N LEU A 323 -17.80 19.19 -27.55
CA LEU A 323 -18.54 18.35 -26.62
C LEU A 323 -19.13 19.12 -25.46
N VAL A 324 -18.88 20.43 -25.40
CA VAL A 324 -19.46 21.22 -24.32
C VAL A 324 -20.98 21.29 -24.43
N ALA A 325 -21.50 21.39 -25.66
CA ALA A 325 -22.95 21.58 -25.84
C ALA A 325 -23.75 20.36 -25.43
N PRO A 326 -23.45 19.14 -25.91
CA PRO A 326 -24.21 17.98 -25.42
C PRO A 326 -24.06 17.77 -23.92
N LEU A 327 -22.89 18.08 -23.37
CA LEU A 327 -22.77 18.02 -21.91
C LEU A 327 -23.74 18.98 -21.24
N ALA A 328 -23.78 20.22 -21.73
CA ALA A 328 -24.66 21.23 -21.13
C ALA A 328 -26.13 20.84 -21.28
N ALA A 329 -26.51 20.35 -22.46
CA ALA A 329 -27.87 19.88 -22.65
C ALA A 329 -28.21 18.74 -21.70
N GLU A 330 -27.26 17.83 -21.47
CA GLU A 330 -27.50 16.67 -20.63
C GLU A 330 -27.48 17.00 -19.13
N MET A 331 -26.66 17.96 -18.69
CA MET A 331 -26.51 18.20 -17.26
C MET A 331 -26.80 19.63 -16.85
N GLY A 332 -27.30 20.45 -17.79
CA GLY A 332 -27.59 21.84 -17.49
C GLY A 332 -28.71 22.03 -16.49
N ALA A 333 -29.73 21.16 -16.53
CA ALA A 333 -30.80 21.26 -15.53
C ALA A 333 -30.24 21.13 -14.11
N ALA A 334 -29.34 20.16 -13.87
CA ALA A 334 -28.77 19.96 -12.54
C ALA A 334 -27.68 20.97 -12.22
N TYR A 335 -26.96 21.47 -13.23
CA TYR A 335 -25.82 22.36 -13.04
C TYR A 335 -25.96 23.56 -13.97
N PRO A 336 -26.83 24.51 -13.62
CA PRO A 336 -27.03 25.70 -14.48
C PRO A 336 -25.77 26.52 -14.70
N GLU A 337 -24.79 26.47 -13.79
CA GLU A 337 -23.55 27.20 -14.02
C GLU A 337 -22.88 26.75 -15.31
N LEU A 338 -23.12 25.51 -15.73
CA LEU A 338 -22.63 25.04 -17.02
C LEU A 338 -23.33 25.76 -18.18
N VAL A 339 -24.66 25.89 -18.12
CA VAL A 339 -25.38 26.60 -19.18
C VAL A 339 -24.98 28.06 -19.22
N LYS A 340 -24.86 28.69 -18.05
CA LYS A 340 -24.52 30.10 -18.01
C LYS A 340 -23.15 30.37 -18.63
N ALA A 341 -22.17 29.50 -18.36
CA ALA A 341 -20.80 29.70 -18.80
C ALA A 341 -20.48 28.96 -20.09
N GLN A 342 -21.50 28.45 -20.79
CA GLN A 342 -21.23 27.56 -21.91
C GLN A 342 -20.27 28.20 -22.90
N GLU A 343 -20.52 29.46 -23.25
CA GLU A 343 -19.72 30.14 -24.27
C GLU A 343 -18.28 30.36 -23.81
N GLN A 344 -18.09 30.74 -22.55
CA GLN A 344 -16.76 30.90 -21.98
C GLN A 344 -16.01 29.57 -21.99
N VAL A 345 -16.67 28.49 -21.58
CA VAL A 345 -16.03 27.17 -21.55
C VAL A 345 -15.63 26.76 -22.95
N GLU A 346 -16.50 26.98 -23.94
CA GLU A 346 -16.18 26.62 -25.31
C GLU A 346 -14.98 27.42 -25.81
N ARG A 347 -14.97 28.74 -25.56
CA ARG A 347 -13.84 29.55 -26.02
C ARG A 347 -12.54 29.07 -25.37
N VAL A 348 -12.56 28.86 -24.05
CA VAL A 348 -11.35 28.45 -23.31
C VAL A 348 -10.81 27.12 -23.84
N LEU A 349 -11.68 26.14 -24.04
CA LEU A 349 -11.20 24.83 -24.48
C LEU A 349 -10.69 24.91 -25.91
N LYS A 350 -11.35 25.69 -26.75
CA LYS A 350 -10.92 25.87 -28.14
C LYS A 350 -9.52 26.47 -28.21
N LYS A 351 -9.29 27.57 -27.47
CA LYS A 351 -7.99 28.22 -27.49
C LYS A 351 -6.90 27.27 -27.01
N GLU A 352 -7.16 26.54 -25.92
CA GLU A 352 -6.12 25.64 -25.42
C GLU A 352 -5.80 24.54 -26.44
N GLU A 353 -6.83 24.00 -27.09
CA GLU A 353 -6.55 23.00 -28.11
C GLU A 353 -5.76 23.58 -29.27
N GLU A 354 -6.11 24.79 -29.71
CA GLU A 354 -5.37 25.45 -30.79
C GLU A 354 -3.93 25.73 -30.38
N ARG A 355 -3.72 26.15 -29.14
CA ARG A 355 -2.36 26.40 -28.67
C ARG A 355 -1.54 25.11 -28.63
N PHE A 356 -2.13 24.03 -28.14
CA PHE A 356 -1.41 22.76 -28.11
C PHE A 356 -1.19 22.21 -29.51
N ALA A 357 -2.08 22.52 -30.46
CA ALA A 357 -1.94 21.96 -31.80
C ALA A 357 -0.70 22.48 -32.53
N GLU A 358 -0.15 23.62 -32.14
CA GLU A 358 1.06 24.07 -32.82
C GLU A 358 2.27 23.17 -32.54
N THR A 359 2.23 22.28 -31.54
CA THR A 359 3.34 21.35 -31.31
C THR A 359 2.96 19.87 -31.26
N LEU A 360 1.67 19.52 -31.27
CA LEU A 360 1.27 18.13 -31.05
C LEU A 360 1.71 17.22 -32.18
N GLY A 361 1.47 17.63 -33.43
CA GLY A 361 1.87 16.81 -34.57
C GLY A 361 3.36 16.51 -34.59
N GLN A 362 4.18 17.55 -34.42
CA GLN A 362 5.63 17.35 -34.40
C GLN A 362 6.04 16.47 -33.22
N GLY A 363 5.46 16.73 -32.04
CA GLY A 363 5.80 15.92 -30.88
C GLY A 363 5.46 14.46 -31.07
N MET A 364 4.32 14.18 -31.71
CA MET A 364 3.92 12.79 -31.95
C MET A 364 4.88 12.11 -32.92
N LYS A 365 5.35 12.83 -33.94
CA LYS A 365 6.32 12.26 -34.86
C LYS A 365 7.56 11.82 -34.10
N ILE A 366 8.06 12.68 -33.21
CA ILE A 366 9.19 12.29 -32.38
C ILE A 366 8.82 11.08 -31.53
N LEU A 367 7.64 11.08 -30.91
CA LEU A 367 7.23 9.94 -30.08
C LEU A 367 7.11 8.67 -30.91
N GLU A 368 6.43 8.74 -32.07
CA GLU A 368 6.24 7.55 -32.90
C GLU A 368 7.56 7.05 -33.45
N ASN A 369 8.45 7.96 -33.83
CA ASN A 369 9.79 7.55 -34.28
C ASN A 369 10.55 6.87 -33.17
N CYS A 370 10.52 7.43 -31.96
CA CYS A 370 11.20 6.81 -30.84
C CYS A 370 10.66 5.42 -30.56
N VAL A 371 9.33 5.24 -30.62
CA VAL A 371 8.75 3.92 -30.35
C VAL A 371 9.19 2.91 -31.41
N ALA A 372 9.45 3.37 -32.64
CA ALA A 372 9.84 2.46 -33.71
C ALA A 372 11.26 1.93 -33.52
N LYS A 373 12.18 2.78 -33.07
CA LYS A 373 13.59 2.42 -33.00
C LYS A 373 14.04 1.99 -31.60
N LEU A 374 13.15 1.97 -30.63
CA LEU A 374 13.55 1.78 -29.24
C LEU A 374 13.94 0.33 -28.96
N ASP A 375 15.04 0.17 -28.23
CA ASP A 375 15.44 -1.09 -27.64
C ASP A 375 15.11 -1.05 -26.15
N GLY A 376 14.43 -2.08 -25.66
CA GLY A 376 13.95 -2.03 -24.30
C GLY A 376 12.56 -1.44 -24.22
N HIS A 377 12.08 -1.32 -22.99
CA HIS A 377 10.69 -0.94 -22.74
C HIS A 377 10.56 0.43 -22.09
N VAL A 378 11.60 1.26 -22.14
CA VAL A 378 11.67 2.50 -21.37
C VAL A 378 12.02 3.67 -22.28
N ILE A 379 11.10 4.62 -22.41
CA ILE A 379 11.42 5.83 -23.17
C ILE A 379 12.41 6.67 -22.36
N PRO A 380 13.56 7.04 -22.92
CA PRO A 380 14.61 7.64 -22.11
C PRO A 380 14.27 9.05 -21.67
N GLY A 381 14.93 9.46 -20.57
CA GLY A 381 14.63 10.74 -19.95
C GLY A 381 14.87 11.95 -20.84
N ASP A 382 15.82 11.88 -21.77
CA ASP A 382 16.07 13.06 -22.59
C ASP A 382 14.95 13.28 -23.60
N VAL A 383 14.35 12.20 -24.11
CA VAL A 383 13.20 12.32 -24.99
C VAL A 383 11.99 12.84 -24.22
N VAL A 384 11.77 12.35 -23.01
CA VAL A 384 10.67 12.85 -22.18
C VAL A 384 10.83 14.34 -21.98
N PHE A 385 12.04 14.77 -21.64
CA PHE A 385 12.30 16.19 -21.41
C PHE A 385 12.13 17.00 -22.69
N LEU A 386 12.61 16.46 -23.83
CA LEU A 386 12.43 17.19 -25.07
C LEU A 386 10.95 17.49 -25.31
N LEU A 387 10.10 16.49 -25.11
CA LEU A 387 8.66 16.65 -25.33
C LEU A 387 8.03 17.62 -24.33
N TYR A 388 8.47 17.56 -23.06
CA TYR A 388 7.98 18.50 -22.06
C TYR A 388 8.45 19.91 -22.37
N ASP A 389 9.74 20.07 -22.62
CA ASP A 389 10.38 21.39 -22.65
C ASP A 389 10.17 22.11 -23.96
N THR A 390 10.27 21.40 -25.08
CA THR A 390 10.09 22.06 -26.38
C THR A 390 8.66 21.94 -26.90
N TYR A 391 7.99 20.79 -26.71
CA TYR A 391 6.72 20.52 -27.39
C TYR A 391 5.50 20.57 -26.47
N GLY A 392 5.67 20.97 -25.21
CA GLY A 392 4.53 21.13 -24.32
C GLY A 392 3.80 19.87 -23.92
N PHE A 393 4.46 18.72 -23.96
CA PHE A 393 3.85 17.46 -23.55
C PHE A 393 4.06 17.29 -22.05
N PRO A 394 3.01 17.31 -21.23
CA PRO A 394 3.18 16.93 -19.83
C PRO A 394 3.72 15.51 -19.75
N VAL A 395 4.47 15.22 -18.68
CA VAL A 395 5.09 13.90 -18.58
C VAL A 395 4.06 12.80 -18.62
N ASP A 396 2.92 12.99 -17.93
CA ASP A 396 1.89 11.94 -17.87
C ASP A 396 1.17 11.77 -19.20
N LEU A 397 1.13 12.82 -20.01
CA LEU A 397 0.67 12.67 -21.39
C LEU A 397 1.57 11.70 -22.13
N THR A 398 2.90 11.93 -22.08
CA THR A 398 3.84 11.03 -22.72
C THR A 398 3.71 9.62 -22.15
N ALA A 399 3.59 9.51 -20.82
CA ALA A 399 3.50 8.21 -20.18
C ALA A 399 2.24 7.47 -20.57
N ASP A 400 1.14 8.20 -20.79
CA ASP A 400 -0.12 7.57 -21.16
C ASP A 400 -0.07 7.04 -22.58
N PHE A 401 0.58 7.78 -23.50
CA PHE A 401 0.88 7.23 -24.83
C PHE A 401 1.77 6.00 -24.73
N ALA A 402 2.82 6.05 -23.89
CA ALA A 402 3.75 4.92 -23.78
C ALA A 402 3.04 3.68 -23.29
N ARG A 403 2.10 3.84 -22.35
CA ARG A 403 1.33 2.71 -21.84
C ARG A 403 0.68 1.93 -22.97
N GLU A 404 0.16 2.63 -23.98
CA GLU A 404 -0.54 2.01 -25.11
C GLU A 404 0.37 1.17 -26.00
N HIS A 405 1.69 1.29 -25.87
CA HIS A 405 2.65 0.50 -26.65
C HIS A 405 3.50 -0.37 -25.74
N ASN A 406 2.96 -0.73 -24.57
CA ASN A 406 3.62 -1.60 -23.58
C ASN A 406 4.98 -1.04 -23.16
N LEU A 407 5.07 0.28 -23.07
CA LEU A 407 6.30 0.97 -22.70
C LEU A 407 6.07 1.79 -21.45
N SER A 408 7.18 2.12 -20.79
CA SER A 408 7.23 3.07 -19.68
C SER A 408 8.04 4.29 -20.08
N VAL A 409 8.23 5.20 -19.12
CA VAL A 409 9.04 6.41 -19.30
C VAL A 409 9.95 6.51 -18.08
N ASP A 410 11.15 7.05 -18.30
CA ASP A 410 12.18 7.20 -17.28
C ASP A 410 11.91 8.49 -16.50
N HIS A 411 11.10 8.37 -15.44
CA HIS A 411 10.76 9.54 -14.62
C HIS A 411 11.99 10.14 -13.97
N ALA A 412 12.81 9.29 -13.35
CA ALA A 412 14.04 9.75 -12.71
C ALA A 412 14.94 10.45 -13.72
N GLY A 413 15.12 9.85 -14.89
CA GLY A 413 15.93 10.49 -15.92
C GLY A 413 15.37 11.84 -16.31
N PHE A 414 14.04 11.95 -16.39
CA PHE A 414 13.43 13.25 -16.67
C PHE A 414 13.74 14.24 -15.56
N GLU A 415 13.63 13.81 -14.30
CA GLU A 415 13.91 14.70 -13.18
C GLU A 415 15.35 15.19 -13.22
N VAL A 416 16.30 14.31 -13.59
CA VAL A 416 17.68 14.73 -13.72
C VAL A 416 17.82 15.80 -14.79
N GLU A 417 17.12 15.63 -15.92
CA GLU A 417 17.14 16.65 -16.96
C GLU A 417 16.64 17.99 -16.45
N MET A 418 15.62 17.98 -15.57
CA MET A 418 15.07 19.23 -15.06
C MET A 418 16.06 19.96 -14.15
N SER A 419 16.79 19.21 -13.31
CA SER A 419 17.83 19.82 -12.48
C SER A 419 18.95 20.39 -13.33
N ALA A 420 19.34 19.70 -14.40
CA ALA A 420 20.35 20.26 -15.30
C ALA A 420 19.86 21.55 -15.93
N GLN A 421 18.55 21.67 -16.21
CA GLN A 421 18.03 22.90 -16.79
C GLN A 421 18.07 24.04 -15.79
N ARG A 422 17.76 23.76 -14.52
CA ARG A 422 17.95 24.77 -13.48
C ARG A 422 19.41 25.19 -13.41
N ASP A 423 20.33 24.26 -13.66
CA ASP A 423 21.77 24.56 -13.66
C ASP A 423 22.17 25.47 -14.80
N ARG A 424 21.49 25.40 -15.95
CA ARG A 424 21.78 26.32 -17.04
C ARG A 424 21.22 27.73 -16.81
N ALA A 425 20.26 27.87 -15.91
CA ALA A 425 19.68 29.19 -15.62
C ALA A 425 20.62 29.99 -14.71
N MET B 1 23.94 -29.02 1.82
CA MET B 1 24.84 -27.94 2.16
C MET B 1 24.31 -27.20 3.38
N THR B 2 25.11 -27.13 4.44
CA THR B 2 24.65 -26.51 5.68
C THR B 2 24.60 -24.99 5.55
N SER B 3 23.92 -24.35 6.51
CA SER B 3 23.83 -22.90 6.49
C SER B 3 25.19 -22.28 6.68
N ALA B 4 26.01 -22.85 7.57
CA ALA B 4 27.33 -22.31 7.81
C ALA B 4 28.19 -22.41 6.56
N GLU B 5 28.06 -23.51 5.81
CA GLU B 5 28.78 -23.66 4.55
C GLU B 5 28.35 -22.62 3.53
N ILE B 6 27.05 -22.30 3.49
CA ILE B 6 26.57 -21.29 2.54
C ILE B 6 27.07 -19.91 2.96
N ARG B 7 26.98 -19.60 4.25
CA ARG B 7 27.50 -18.33 4.73
C ARG B 7 28.96 -18.16 4.34
N ALA B 8 29.78 -19.20 4.57
CA ALA B 8 31.20 -19.11 4.27
C ALA B 8 31.46 -19.03 2.77
N ALA B 9 30.76 -19.86 2.00
CA ALA B 9 30.92 -19.82 0.56
C ALA B 9 30.57 -18.44 0.02
N PHE B 10 29.45 -17.89 0.48
CA PHE B 10 29.09 -16.54 0.05
C PHE B 10 30.22 -15.58 0.33
N LEU B 11 30.68 -15.52 1.58
CA LEU B 11 31.72 -14.55 1.91
C LEU B 11 33.00 -14.85 1.15
N GLU B 12 33.32 -16.13 0.95
CA GLU B 12 34.54 -16.47 0.25
C GLU B 12 34.44 -16.11 -1.24
N PHE B 13 33.25 -16.28 -1.82
CA PHE B 13 33.05 -15.92 -3.24
C PHE B 13 33.35 -14.45 -3.47
N PHE B 14 32.94 -13.58 -2.55
CA PHE B 14 33.17 -12.17 -2.77
C PHE B 14 34.56 -11.72 -2.33
N ARG B 15 35.14 -12.39 -1.33
CA ARG B 15 36.53 -12.11 -0.93
C ARG B 15 37.49 -12.36 -2.09
N GLN B 16 37.29 -13.46 -2.84
CA GLN B 16 38.07 -13.67 -4.05
C GLN B 16 37.94 -12.53 -5.04
N ARG B 17 36.77 -11.90 -5.12
CA ARG B 17 36.58 -10.76 -6.01
C ARG B 17 36.94 -9.45 -5.34
N GLY B 18 37.82 -9.50 -4.36
CA GLY B 18 38.39 -8.28 -3.83
C GLY B 18 37.51 -7.55 -2.86
N HIS B 19 36.49 -8.21 -2.31
CA HIS B 19 35.67 -7.61 -1.27
C HIS B 19 36.30 -7.84 0.09
N ALA B 20 36.41 -6.78 0.88
CA ALA B 20 36.85 -6.92 2.26
C ALA B 20 35.73 -7.54 3.11
N VAL B 21 35.97 -8.73 3.65
CA VAL B 21 35.00 -9.38 4.52
C VAL B 21 35.05 -8.71 5.89
N ARG B 22 33.92 -8.14 6.32
CA ARG B 22 33.84 -7.40 7.58
C ARG B 22 32.88 -8.08 8.53
N PRO B 23 33.05 -7.88 9.84
CA PRO B 23 32.13 -8.50 10.80
C PRO B 23 30.75 -7.86 10.78
N SER B 24 29.76 -8.65 11.18
CA SER B 24 28.44 -8.10 11.48
C SER B 24 28.57 -6.97 12.50
N SER B 25 27.77 -5.93 12.33
CA SER B 25 27.64 -4.99 13.43
C SER B 25 26.60 -5.50 14.42
N SER B 26 26.48 -4.77 15.52
CA SER B 26 25.53 -5.10 16.58
C SER B 26 24.10 -4.88 16.12
N LEU B 27 23.16 -5.56 16.78
CA LEU B 27 21.74 -5.26 16.54
C LEU B 27 21.33 -3.90 17.09
N VAL B 28 22.11 -3.34 18.01
CA VAL B 28 21.90 -1.97 18.47
C VAL B 28 22.78 -1.05 17.63
N PRO B 29 22.22 -0.23 16.76
CA PRO B 29 23.06 0.54 15.83
C PRO B 29 23.77 1.69 16.54
N GLY B 30 25.02 1.94 16.10
CA GLY B 30 25.70 3.17 16.41
C GLY B 30 25.34 4.23 15.38
N ASN B 31 25.82 5.46 15.61
CA ASN B 31 25.61 6.64 14.76
C ASN B 31 24.27 6.67 14.00
N ASP B 32 23.20 6.12 14.58
CA ASP B 32 21.89 6.13 13.93
C ASP B 32 20.81 6.02 15.00
N PRO B 33 20.53 7.10 15.71
CA PRO B 33 19.59 7.02 16.85
C PRO B 33 18.15 6.79 16.44
N THR B 34 17.76 7.23 15.23
CA THR B 34 16.37 7.10 14.80
C THR B 34 15.94 5.64 14.60
N LEU B 35 16.88 4.74 14.29
CA LEU B 35 16.56 3.36 13.95
C LEU B 35 16.50 2.51 15.23
N LEU B 36 15.47 1.67 15.33
CA LEU B 36 15.29 0.79 16.48
C LEU B 36 16.38 -0.27 16.61
N PHE B 37 16.38 -1.23 15.70
CA PHE B 37 17.43 -2.24 15.62
C PHE B 37 18.02 -2.30 14.22
N THR B 38 19.25 -2.77 14.13
CA THR B 38 19.89 -3.02 12.84
C THR B 38 19.06 -4.00 12.02
N ASN B 39 18.56 -3.56 10.87
CA ASN B 39 17.60 -4.35 10.11
C ASN B 39 18.08 -4.70 8.71
N ALA B 40 19.34 -4.39 8.38
CA ALA B 40 19.89 -4.66 7.06
C ALA B 40 21.39 -4.57 7.14
N GLY B 41 22.07 -5.28 6.24
CA GLY B 41 23.51 -5.17 6.14
C GLY B 41 23.99 -3.77 5.81
N MET B 42 23.10 -2.92 5.28
CA MET B 42 23.46 -1.54 4.92
C MET B 42 23.81 -0.67 6.13
N VAL B 43 23.21 -0.95 7.28
CA VAL B 43 23.12 0.05 8.34
C VAL B 43 24.52 0.54 8.74
N GLN B 44 25.44 -0.40 8.95
CA GLN B 44 26.77 -0.01 9.42
C GLN B 44 27.60 0.69 8.36
N PHE B 45 27.24 0.58 7.09
CA PHE B 45 27.94 1.25 6.00
C PHE B 45 27.23 2.50 5.50
N LYS B 46 26.16 2.91 6.18
CA LYS B 46 25.35 4.03 5.72
C LYS B 46 26.19 5.30 5.56
N ASP B 47 27.01 5.63 6.56
CA ASP B 47 27.78 6.86 6.44
C ASP B 47 28.87 6.76 5.38
N VAL B 48 29.36 5.55 5.09
CA VAL B 48 30.26 5.39 3.95
C VAL B 48 29.52 5.65 2.65
N PHE B 49 28.30 5.13 2.52
CA PHE B 49 27.53 5.38 1.31
C PHE B 49 27.22 6.85 1.14
N LEU B 50 27.02 7.58 2.25
CA LEU B 50 26.76 9.00 2.24
C LEU B 50 28.01 9.84 2.00
N GLY B 51 29.19 9.23 1.98
CA GLY B 51 30.43 9.99 1.90
C GLY B 51 30.82 10.69 3.18
N ARG B 52 30.15 10.39 4.29
CA ARG B 52 30.48 11.00 5.57
C ARG B 52 31.56 10.24 6.34
N GLU B 53 31.81 8.98 6.00
CA GLU B 53 32.84 8.20 6.68
C GLU B 53 33.77 7.62 5.64
N LYS B 54 35.07 7.62 5.93
CA LYS B 54 36.08 7.04 5.04
C LYS B 54 36.56 5.71 5.61
N VAL B 55 36.59 4.69 4.76
CA VAL B 55 37.17 3.40 5.07
C VAL B 55 38.16 3.10 3.95
N ASP B 56 39.13 2.22 4.23
CA ASP B 56 40.14 1.91 3.23
C ASP B 56 39.76 0.72 2.37
N PHE B 57 38.48 0.50 2.09
CA PHE B 57 38.05 -0.50 1.12
C PHE B 57 36.89 0.07 0.31
N ASN B 58 36.84 -0.24 -0.98
CA ASN B 58 35.73 0.24 -1.81
C ASN B 58 34.74 -0.85 -2.18
N ARG B 59 34.94 -2.09 -1.72
CA ARG B 59 33.93 -3.14 -1.83
C ARG B 59 34.02 -4.07 -0.62
N ALA B 60 32.88 -4.41 -0.04
CA ALA B 60 32.84 -5.22 1.17
C ALA B 60 31.79 -6.31 1.05
N ALA B 61 31.87 -7.29 1.95
CA ALA B 61 30.84 -8.31 2.08
C ALA B 61 30.69 -8.71 3.54
N THR B 62 29.44 -8.90 3.99
CA THR B 62 29.19 -9.31 5.37
C THR B 62 28.01 -10.26 5.44
N SER B 63 27.96 -11.02 6.54
CA SER B 63 26.75 -11.67 7.01
C SER B 63 26.25 -10.90 8.23
N GLN B 64 25.14 -10.19 8.07
CA GLN B 64 24.68 -9.22 9.06
C GLN B 64 23.51 -9.77 9.87
N ARG B 65 23.62 -9.70 11.21
CA ARG B 65 22.48 -10.03 12.06
C ARG B 65 21.48 -8.89 11.98
N CYS B 66 20.23 -9.24 11.76
CA CYS B 66 19.15 -8.27 11.61
C CYS B 66 17.96 -8.69 12.46
N VAL B 67 17.23 -7.70 12.97
CA VAL B 67 15.91 -7.91 13.54
C VAL B 67 14.93 -6.95 12.89
N ARG B 68 13.78 -7.49 12.47
CA ARG B 68 12.67 -6.71 11.93
C ARG B 68 11.45 -6.92 12.83
N ALA B 69 11.35 -6.09 13.87
CA ALA B 69 10.21 -6.13 14.78
C ALA B 69 9.68 -4.74 15.09
N GLY B 70 9.97 -3.76 14.21
CA GLY B 70 9.50 -2.39 14.36
C GLY B 70 9.77 -1.54 13.13
N GLY B 71 8.94 -0.52 12.92
CA GLY B 71 9.10 0.40 11.80
C GLY B 71 8.98 -0.22 10.41
N ASN B 74 8.86 -4.10 9.45
CA ASN B 74 8.32 -4.84 10.60
C ASN B 74 7.60 -6.13 10.18
N ASP B 75 8.12 -7.25 10.69
CA ASP B 75 7.73 -8.61 10.30
C ASP B 75 7.32 -9.47 11.50
N LEU B 76 7.10 -8.88 12.67
CA LEU B 76 6.76 -9.65 13.85
C LEU B 76 5.46 -10.44 13.64
N GLU B 77 4.48 -9.84 12.97
CA GLU B 77 3.19 -10.48 12.77
C GLU B 77 3.19 -11.52 11.65
N ASN B 78 4.28 -11.67 10.90
CA ASN B 78 4.37 -12.75 9.91
C ASN B 78 4.95 -14.05 10.47
N VAL B 79 5.62 -14.00 11.63
CA VAL B 79 6.29 -15.18 12.17
C VAL B 79 5.28 -16.26 12.52
N GLY B 80 5.55 -17.49 12.05
CA GLY B 80 4.63 -18.59 12.27
C GLY B 80 3.50 -18.68 11.28
N TYR B 81 3.19 -17.58 10.56
CA TYR B 81 2.13 -17.53 9.56
C TYR B 81 2.64 -17.61 8.12
N THR B 82 3.94 -17.48 7.89
CA THR B 82 4.53 -17.69 6.58
C THR B 82 5.73 -18.61 6.74
N ALA B 83 6.15 -19.22 5.63
CA ALA B 83 7.35 -20.05 5.64
C ALA B 83 8.65 -19.26 5.60
N ARG B 84 8.58 -17.93 5.41
CA ARG B 84 9.75 -17.17 4.99
C ARG B 84 10.13 -15.99 5.87
N HIS B 85 9.37 -15.66 6.91
CA HIS B 85 9.61 -14.46 7.71
C HIS B 85 10.11 -14.79 9.11
N HIS B 86 11.11 -14.05 9.56
CA HIS B 86 11.64 -14.15 10.92
C HIS B 86 11.62 -12.76 11.56
N THR B 87 11.78 -12.74 12.90
CA THR B 87 12.20 -11.50 13.53
C THR B 87 13.72 -11.35 13.40
N PHE B 88 14.48 -12.35 13.83
CA PHE B 88 15.93 -12.39 13.69
C PHE B 88 16.31 -13.21 12.48
N PHE B 89 17.13 -12.63 11.60
CA PHE B 89 17.69 -13.40 10.50
C PHE B 89 19.06 -12.83 10.16
N GLU B 90 19.82 -13.59 9.37
CA GLU B 90 21.11 -13.14 8.85
C GLU B 90 20.95 -12.70 7.41
N MET B 91 21.41 -11.49 7.09
CA MET B 91 21.39 -10.96 5.73
C MET B 91 22.80 -10.99 5.13
N LEU B 92 22.98 -11.81 4.09
CA LEU B 92 24.21 -11.86 3.31
C LEU B 92 24.23 -10.70 2.31
N GLY B 93 25.26 -9.86 2.36
CA GLY B 93 25.35 -8.73 1.46
C GLY B 93 26.74 -8.57 0.87
N ASN B 94 26.75 -8.01 -0.35
CA ASN B 94 27.95 -7.41 -0.93
C ASN B 94 27.66 -5.93 -1.19
N PHE B 95 28.72 -5.11 -1.07
CA PHE B 95 28.61 -3.66 -1.13
C PHE B 95 29.66 -3.11 -2.08
N SER B 96 29.26 -2.16 -2.90
CA SER B 96 30.18 -1.39 -3.75
C SER B 96 30.07 0.06 -3.30
N PHE B 97 31.21 0.65 -2.94
CA PHE B 97 31.26 2.06 -2.52
C PHE B 97 31.84 2.88 -3.67
N GLY B 98 30.97 3.25 -4.60
CA GLY B 98 31.41 3.95 -5.81
C GLY B 98 32.36 3.13 -6.66
N ASP B 99 32.31 1.81 -6.57
CA ASP B 99 33.22 1.00 -7.36
C ASP B 99 32.47 0.43 -8.57
N TYR B 100 32.19 -0.87 -8.60
CA TYR B 100 31.36 -1.42 -9.66
C TYR B 100 29.91 -1.00 -9.48
N PHE B 101 29.07 -1.33 -10.48
CA PHE B 101 27.66 -0.94 -10.46
C PHE B 101 26.75 -2.09 -10.90
N LYS B 102 25.79 -1.83 -11.79
CA LYS B 102 24.74 -2.81 -12.08
C LYS B 102 25.29 -4.06 -12.76
N ARG B 103 26.18 -3.89 -13.74
CA ARG B 103 26.63 -5.01 -14.56
C ARG B 103 27.35 -6.06 -13.73
N ASP B 104 28.30 -5.64 -12.89
CA ASP B 104 29.00 -6.59 -12.04
C ASP B 104 28.10 -7.14 -10.94
N ALA B 105 27.25 -6.28 -10.35
CA ALA B 105 26.38 -6.77 -9.27
C ALA B 105 25.50 -7.89 -9.77
N ILE B 106 24.91 -7.71 -10.95
CA ILE B 106 24.04 -8.72 -11.53
C ILE B 106 24.83 -9.99 -11.85
N ASN B 107 26.01 -9.85 -12.47
CA ASN B 107 26.80 -11.03 -12.82
C ASN B 107 27.29 -11.75 -11.57
N PHE B 108 27.74 -11.00 -10.55
CA PHE B 108 28.11 -11.64 -9.29
C PHE B 108 26.96 -12.45 -8.74
N ALA B 109 25.75 -11.88 -8.73
CA ALA B 109 24.61 -12.54 -8.13
C ALA B 109 24.22 -13.79 -8.91
N TRP B 110 24.16 -13.69 -10.24
CA TRP B 110 23.76 -14.83 -11.05
C TRP B 110 24.80 -15.94 -10.97
N ASP B 111 26.08 -15.58 -11.04
CA ASP B 111 27.15 -16.57 -10.97
C ASP B 111 27.04 -17.35 -9.66
N PHE B 112 26.88 -16.64 -8.53
CA PHE B 112 26.85 -17.32 -7.25
C PHE B 112 25.67 -18.29 -7.16
N LEU B 113 24.49 -17.87 -7.61
CA LEU B 113 23.32 -18.75 -7.52
C LEU B 113 23.41 -19.93 -8.50
N THR B 114 23.79 -19.65 -9.75
CA THR B 114 23.70 -20.68 -10.79
C THR B 114 25.00 -21.45 -10.99
N LYS B 115 26.16 -20.89 -10.63
CA LYS B 115 27.43 -21.60 -10.79
C LYS B 115 28.00 -22.10 -9.47
N GLU B 116 28.18 -21.22 -8.48
CA GLU B 116 28.65 -21.67 -7.17
C GLU B 116 27.66 -22.60 -6.49
N MET B 117 26.40 -22.19 -6.40
CA MET B 117 25.37 -22.94 -5.70
C MET B 117 24.66 -23.96 -6.59
N GLY B 118 24.84 -23.85 -7.90
CA GLY B 118 24.26 -24.82 -8.82
C GLY B 118 22.76 -24.80 -8.95
N ILE B 119 22.10 -23.69 -8.63
CA ILE B 119 20.63 -23.64 -8.73
C ILE B 119 20.22 -23.57 -10.20
N PRO B 120 19.28 -24.39 -10.66
CA PRO B 120 18.91 -24.36 -12.08
C PRO B 120 18.22 -23.06 -12.42
N PRO B 121 18.59 -22.41 -13.54
CA PRO B 121 17.88 -21.20 -13.96
C PRO B 121 16.39 -21.40 -14.13
N ALA B 122 15.93 -22.62 -14.39
CA ALA B 122 14.50 -22.81 -14.55
C ALA B 122 13.75 -22.63 -13.24
N LYS B 123 14.45 -22.63 -12.11
CA LYS B 123 13.86 -22.39 -10.79
C LYS B 123 13.98 -20.94 -10.32
N LEU B 124 14.57 -20.05 -11.11
CA LEU B 124 14.79 -18.67 -10.72
C LEU B 124 13.90 -17.72 -11.52
N TRP B 125 13.56 -16.60 -10.91
CA TRP B 125 12.71 -15.57 -11.50
C TRP B 125 13.27 -14.22 -11.11
N VAL B 126 13.36 -13.30 -12.07
CA VAL B 126 14.03 -12.02 -11.88
C VAL B 126 13.05 -10.90 -12.15
N THR B 127 13.10 -9.84 -11.33
CA THR B 127 12.32 -8.63 -11.59
C THR B 127 13.24 -7.42 -11.63
N VAL B 128 12.83 -6.42 -12.43
CA VAL B 128 13.53 -5.15 -12.49
C VAL B 128 12.50 -4.03 -12.30
N PHE B 129 13.01 -2.85 -11.95
CA PHE B 129 12.21 -1.65 -12.03
C PHE B 129 11.74 -1.45 -13.47
N ASP B 130 10.46 -1.14 -13.65
CA ASP B 130 9.94 -0.99 -15.00
C ASP B 130 10.39 0.30 -15.69
N GLU B 131 11.16 1.17 -15.02
CA GLU B 131 11.77 2.32 -15.67
C GLU B 131 13.28 2.21 -15.71
N ASP B 132 13.83 1.00 -15.50
CA ASP B 132 15.28 0.74 -15.49
C ASP B 132 15.64 -0.05 -16.74
N SER B 133 16.03 0.66 -17.80
CA SER B 133 16.34 -0.04 -19.03
C SER B 133 17.73 -0.68 -18.99
N GLU B 134 18.64 -0.13 -18.18
CA GLU B 134 19.98 -0.71 -18.05
C GLU B 134 19.91 -2.11 -17.45
N ALA B 135 19.19 -2.25 -16.33
CA ALA B 135 19.10 -3.55 -15.67
C ALA B 135 18.37 -4.57 -16.53
N GLU B 136 17.31 -4.15 -17.23
CA GLU B 136 16.66 -5.05 -18.15
C GLU B 136 17.61 -5.54 -19.23
N ALA B 137 18.37 -4.60 -19.83
CA ALA B 137 19.27 -4.95 -20.92
C ALA B 137 20.33 -5.95 -20.49
N ILE B 138 20.94 -5.70 -19.32
CA ILE B 138 21.96 -6.59 -18.76
C ILE B 138 21.39 -7.98 -18.52
N TRP B 139 20.18 -8.06 -17.94
CA TRP B 139 19.58 -9.37 -17.66
C TRP B 139 19.21 -10.10 -18.95
N LEU B 140 18.53 -9.41 -19.86
CA LEU B 140 17.92 -10.05 -21.03
C LEU B 140 18.87 -10.19 -22.20
N GLU B 141 19.81 -9.26 -22.36
CA GLU B 141 20.70 -9.22 -23.50
C GLU B 141 22.12 -9.68 -23.20
N GLU B 142 22.65 -9.45 -21.99
CA GLU B 142 24.01 -9.87 -21.65
C GLU B 142 24.02 -11.21 -20.95
N VAL B 143 23.38 -11.30 -19.77
CA VAL B 143 23.26 -12.58 -19.08
C VAL B 143 22.40 -13.54 -19.87
N LYS B 144 21.38 -13.02 -20.57
CA LYS B 144 20.52 -13.80 -21.47
C LYS B 144 19.67 -14.82 -20.70
N ILE B 145 19.00 -14.34 -19.65
CA ILE B 145 18.11 -15.22 -18.90
C ILE B 145 16.81 -15.41 -19.67
N ASP B 146 16.13 -16.50 -19.37
CA ASP B 146 14.84 -16.81 -19.97
C ASP B 146 13.86 -15.66 -19.73
N PRO B 147 13.39 -14.98 -20.79
CA PRO B 147 12.53 -13.80 -20.59
C PRO B 147 11.13 -14.11 -20.06
N THR B 148 10.68 -15.37 -20.08
CA THR B 148 9.37 -15.67 -19.54
C THR B 148 9.36 -15.83 -18.01
N ARG B 149 10.55 -15.91 -17.40
CA ARG B 149 10.65 -15.94 -15.94
C ARG B 149 11.22 -14.60 -15.46
N PHE B 150 10.54 -13.52 -15.83
CA PHE B 150 11.02 -12.14 -15.73
C PHE B 150 9.78 -11.24 -15.61
N SER B 151 9.84 -10.25 -14.72
CA SER B 151 8.75 -9.31 -14.51
C SER B 151 9.31 -7.91 -14.37
N ARG B 152 8.54 -6.92 -14.85
CA ARG B 152 8.89 -5.50 -14.75
C ARG B 152 7.91 -4.88 -13.77
N ILE B 153 8.42 -4.44 -12.61
CA ILE B 153 7.61 -4.06 -11.46
C ILE B 153 7.80 -2.57 -11.18
N GLY B 154 6.74 -1.93 -10.66
CA GLY B 154 6.74 -0.50 -10.41
C GLY B 154 7.54 -0.12 -9.17
N ALA B 155 7.52 1.18 -8.86
CA ALA B 155 8.41 1.75 -7.85
C ALA B 155 8.13 1.23 -6.44
N LYS B 156 6.93 0.70 -6.18
CA LYS B 156 6.60 0.28 -4.83
C LYS B 156 7.48 -0.87 -4.37
N ASP B 157 7.78 -1.82 -5.26
CA ASP B 157 8.64 -2.95 -4.91
C ASP B 157 10.09 -2.79 -5.37
N ASN B 158 10.35 -2.05 -6.44
CA ASN B 158 11.66 -2.09 -7.06
C ASN B 158 12.34 -0.73 -7.16
N PHE B 159 11.94 0.25 -6.36
CA PHE B 159 12.68 1.49 -6.28
C PHE B 159 12.95 1.80 -4.82
N TRP B 160 14.20 2.14 -4.51
CA TRP B 160 14.67 2.29 -3.14
C TRP B 160 15.10 3.73 -2.92
N ALA B 161 15.02 4.19 -1.67
CA ALA B 161 15.57 5.49 -1.30
C ALA B 161 16.06 5.42 0.14
N MET B 162 17.24 6.00 0.41
CA MET B 162 17.73 6.01 1.78
C MET B 162 16.83 6.82 2.71
N GLY B 163 16.22 7.87 2.19
CA GLY B 163 15.35 8.73 2.98
C GLY B 163 14.73 9.75 2.07
N ASP B 164 14.07 10.75 2.68
CA ASP B 164 13.46 11.79 1.88
C ASP B 164 14.51 12.57 1.08
N VAL B 165 15.72 12.68 1.62
CA VAL B 165 16.85 13.23 0.89
C VAL B 165 17.96 12.18 0.93
N GLY B 166 18.89 12.30 -0.02
CA GLY B 166 20.01 11.41 -0.08
C GLY B 166 19.90 10.45 -1.24
N PRO B 167 20.67 9.36 -1.21
CA PRO B 167 20.70 8.43 -2.35
C PRO B 167 19.41 7.67 -2.54
N CYS B 168 19.13 7.35 -3.81
CA CYS B 168 18.01 6.49 -4.19
C CYS B 168 18.33 5.85 -5.54
N GLY B 169 17.50 4.91 -5.94
CA GLY B 169 17.68 4.28 -7.23
C GLY B 169 16.93 2.97 -7.37
N PRO B 170 16.97 2.38 -8.57
CA PRO B 170 16.19 1.17 -8.83
C PRO B 170 16.80 -0.08 -8.19
N CYS B 171 15.97 -1.12 -8.06
CA CYS B 171 16.38 -2.39 -7.49
C CYS B 171 16.03 -3.51 -8.46
N THR B 172 16.83 -4.57 -8.42
CA THR B 172 16.50 -5.81 -9.11
C THR B 172 16.55 -6.94 -8.09
N GLU B 173 15.64 -7.90 -8.24
CA GLU B 173 15.41 -8.92 -7.23
C GLU B 173 15.37 -10.28 -7.90
N ILE B 174 15.90 -11.29 -7.20
CA ILE B 174 15.91 -12.66 -7.70
C ILE B 174 15.06 -13.52 -6.77
N PHE B 175 14.17 -14.32 -7.36
CA PHE B 175 13.24 -15.17 -6.65
C PHE B 175 13.50 -16.63 -6.97
N TYR B 176 13.14 -17.51 -6.04
CA TYR B 176 13.21 -18.96 -6.22
C TYR B 176 11.79 -19.54 -6.24
N ASP B 177 11.57 -20.44 -7.21
CA ASP B 177 10.27 -21.09 -7.42
C ASP B 177 10.25 -22.41 -6.65
N HIS B 178 9.53 -22.42 -5.53
CA HIS B 178 9.44 -23.61 -4.69
C HIS B 178 8.52 -24.69 -5.26
N GLY B 179 7.89 -24.44 -6.40
CA GLY B 179 7.18 -25.49 -7.10
C GLY B 179 5.67 -25.43 -6.90
N GLU B 180 4.99 -26.28 -7.67
CA GLU B 180 3.54 -26.26 -7.78
C GLU B 180 2.81 -26.70 -6.52
N HIS B 181 3.50 -27.41 -5.61
CA HIS B 181 2.83 -27.82 -4.37
C HIS B 181 2.65 -26.67 -3.39
N VAL B 182 3.27 -25.51 -3.63
CA VAL B 182 3.14 -24.34 -2.76
C VAL B 182 2.24 -23.31 -3.44
N ALA B 183 1.37 -22.69 -2.63
CA ALA B 183 0.43 -21.71 -3.14
C ALA B 183 1.12 -20.38 -3.44
N GLY B 184 0.73 -19.74 -4.54
CA GLY B 184 1.24 -18.44 -4.89
C GLY B 184 1.57 -18.33 -6.38
N GLY B 185 1.71 -17.09 -6.83
CA GLY B 185 2.06 -16.81 -8.21
C GLY B 185 3.33 -16.00 -8.30
N PRO B 186 3.83 -15.83 -9.53
CA PRO B 186 5.11 -15.13 -9.75
C PRO B 186 5.01 -13.66 -9.38
N PRO B 187 6.14 -12.97 -9.26
CA PRO B 187 6.11 -11.54 -8.92
C PRO B 187 5.35 -10.75 -9.97
N GLY B 188 4.42 -9.90 -9.49
CA GLY B 188 3.56 -9.11 -10.35
C GLY B 188 2.19 -9.69 -10.56
N SER B 189 1.97 -10.94 -10.18
CA SER B 189 0.67 -11.57 -10.30
C SER B 189 -0.19 -11.21 -9.10
N PRO B 190 -1.52 -11.41 -9.18
CA PRO B 190 -2.37 -10.99 -8.04
C PRO B 190 -1.98 -11.68 -6.74
N ASP B 191 -1.58 -12.95 -6.80
CA ASP B 191 -1.12 -13.67 -5.62
C ASP B 191 0.39 -13.80 -5.60
N GLU B 192 1.11 -12.75 -5.99
CA GLU B 192 2.56 -12.75 -5.87
C GLU B 192 2.97 -12.97 -4.43
N ASP B 193 2.14 -12.52 -3.49
CA ASP B 193 2.36 -12.83 -2.11
C ASP B 193 2.20 -14.34 -1.96
N GLY B 194 2.50 -14.86 -0.79
CA GLY B 194 2.46 -16.31 -0.70
C GLY B 194 3.82 -16.91 -0.94
N ASP B 195 3.97 -18.13 -0.47
CA ASP B 195 5.28 -18.75 -0.28
C ASP B 195 5.82 -19.50 -1.49
N ARG B 196 5.17 -19.42 -2.66
CA ARG B 196 5.69 -20.22 -3.77
C ARG B 196 6.92 -19.58 -4.40
N TYR B 197 6.83 -18.32 -4.77
CA TYR B 197 7.94 -17.57 -5.35
C TYR B 197 8.48 -16.67 -4.24
N ILE B 198 9.59 -17.09 -3.62
CA ILE B 198 10.16 -16.43 -2.46
C ILE B 198 11.34 -15.57 -2.90
N GLU B 199 11.33 -14.29 -2.50
CA GLU B 199 12.43 -13.38 -2.78
C GLU B 199 13.70 -13.84 -2.08
N ILE B 200 14.73 -14.13 -2.86
CA ILE B 200 16.01 -14.62 -2.35
C ILE B 200 17.03 -13.50 -2.18
N TRP B 201 17.14 -12.61 -3.16
CA TRP B 201 18.25 -11.65 -3.19
C TRP B 201 17.81 -10.31 -3.74
N ASN B 202 18.13 -9.25 -3.02
CA ASN B 202 17.73 -7.90 -3.41
C ASN B 202 19.00 -7.10 -3.72
N LEU B 203 19.04 -6.51 -4.92
CA LEU B 203 20.18 -5.69 -5.36
C LEU B 203 19.70 -4.25 -5.45
N VAL B 204 20.29 -3.38 -4.63
CA VAL B 204 19.94 -1.96 -4.60
C VAL B 204 21.02 -1.17 -5.35
N PHE B 205 20.60 -0.35 -6.31
CA PHE B 205 21.50 0.46 -7.11
C PHE B 205 21.33 1.93 -6.71
N MET B 206 22.34 2.47 -6.03
CA MET B 206 22.29 3.87 -5.61
C MET B 206 22.70 4.72 -6.80
N GLN B 207 21.76 5.38 -7.41
CA GLN B 207 21.97 6.00 -8.71
C GLN B 207 21.69 7.50 -8.73
N TYR B 208 20.83 8.01 -7.87
CA TYR B 208 20.46 9.41 -7.88
C TYR B 208 20.59 9.97 -6.47
N GLU B 209 20.60 11.30 -6.38
CA GLU B 209 20.53 12.03 -5.12
C GLU B 209 19.32 12.96 -5.17
N ARG B 210 18.49 12.93 -4.12
CA ARG B 210 17.34 13.82 -3.99
C ARG B 210 17.63 14.83 -2.89
N ASP B 211 17.39 16.10 -3.18
CA ASP B 211 17.68 17.16 -2.21
C ASP B 211 16.41 17.55 -1.46
N LYS B 212 16.54 18.58 -0.62
CA LYS B 212 15.45 18.98 0.28
C LYS B 212 14.16 19.26 -0.48
N ASP B 213 14.26 19.93 -1.62
CA ASP B 213 13.10 20.35 -2.40
C ASP B 213 12.60 19.25 -3.33
N GLY B 214 13.27 18.10 -3.38
CA GLY B 214 12.82 17.00 -4.21
C GLY B 214 13.50 16.87 -5.55
N ASN B 215 14.52 17.69 -5.83
CA ASN B 215 15.22 17.63 -7.10
C ASN B 215 16.17 16.43 -7.13
N LEU B 216 16.17 15.72 -8.24
CA LEU B 216 17.08 14.61 -8.48
C LEU B 216 18.32 15.07 -9.24
N THR B 217 19.47 14.58 -8.83
CA THR B 217 20.73 14.72 -9.57
C THR B 217 21.39 13.36 -9.67
N PRO B 218 22.30 13.18 -10.63
CA PRO B 218 23.04 11.91 -10.70
C PRO B 218 23.88 11.73 -9.45
N MET B 219 23.94 10.50 -8.94
CA MET B 219 24.80 10.24 -7.78
C MET B 219 26.25 10.30 -8.23
N PRO B 220 27.11 11.06 -7.55
CA PRO B 220 28.47 11.25 -8.06
C PRO B 220 29.22 9.94 -8.28
N ALA B 221 29.20 9.04 -7.30
CA ALA B 221 29.79 7.70 -7.44
C ALA B 221 28.71 6.65 -7.21
N PRO B 222 28.08 6.16 -8.27
CA PRO B 222 27.03 5.15 -8.11
C PRO B 222 27.50 3.92 -7.32
N SER B 223 26.66 3.46 -6.41
CA SER B 223 27.01 2.45 -5.42
C SER B 223 26.01 1.30 -5.45
N VAL B 224 26.37 0.18 -4.81
CA VAL B 224 25.53 -1.01 -4.80
C VAL B 224 25.43 -1.53 -3.37
N ASP B 225 24.22 -1.87 -2.95
CA ASP B 225 24.00 -2.56 -1.69
C ASP B 225 23.10 -3.74 -1.97
N THR B 226 23.53 -4.94 -1.57
CA THR B 226 22.69 -6.11 -1.79
C THR B 226 22.42 -6.82 -0.46
N GLY B 227 21.36 -7.63 -0.47
CA GLY B 227 20.99 -8.42 0.67
C GLY B 227 20.21 -9.67 0.31
N MET B 228 20.66 -10.82 0.83
CA MET B 228 20.03 -12.11 0.63
C MET B 228 19.90 -12.83 1.97
N GLY B 229 18.69 -13.28 2.28
CA GLY B 229 18.46 -13.96 3.55
C GLY B 229 19.09 -15.33 3.59
N LEU B 230 19.91 -15.57 4.62
CA LEU B 230 20.62 -16.85 4.72
C LEU B 230 19.65 -18.02 4.87
N GLU B 231 18.55 -17.80 5.60
CA GLU B 231 17.61 -18.89 5.86
C GLU B 231 16.82 -19.25 4.60
N ARG B 232 16.44 -18.26 3.79
CA ARG B 232 15.72 -18.58 2.57
C ARG B 232 16.60 -19.34 1.58
N ILE B 233 17.86 -18.94 1.41
CA ILE B 233 18.72 -19.65 0.47
C ILE B 233 19.11 -21.01 1.03
N ALA B 234 19.27 -21.13 2.36
CA ALA B 234 19.54 -22.43 2.95
C ALA B 234 18.39 -23.41 2.70
N ALA B 235 17.15 -22.92 2.73
CA ALA B 235 16.00 -23.78 2.45
C ALA B 235 16.02 -24.26 1.01
N VAL B 236 16.32 -23.35 0.08
CA VAL B 236 16.55 -23.73 -1.31
C VAL B 236 17.63 -24.79 -1.38
N MET B 237 18.78 -24.53 -0.74
CA MET B 237 19.92 -25.43 -0.84
C MET B 237 19.73 -26.73 -0.05
N GLN B 238 18.73 -26.84 0.79
CA GLN B 238 18.45 -28.07 1.52
C GLN B 238 17.15 -28.73 1.08
N GLY B 239 16.48 -28.19 0.07
CA GLY B 239 15.31 -28.85 -0.49
C GLY B 239 14.07 -28.80 0.36
N VAL B 240 13.93 -27.79 1.22
CA VAL B 240 12.79 -27.73 2.10
C VAL B 240 11.95 -26.49 1.78
N HIS B 241 10.68 -26.54 2.15
CA HIS B 241 9.80 -25.42 1.80
C HIS B 241 9.91 -24.29 2.82
N SER B 242 9.98 -24.62 4.11
CA SER B 242 9.94 -23.64 5.19
C SER B 242 11.33 -23.34 5.70
N ASN B 243 11.60 -22.06 5.97
CA ASN B 243 12.84 -21.67 6.65
C ASN B 243 13.07 -22.53 7.89
N TYR B 244 11.99 -22.84 8.63
CA TYR B 244 12.13 -23.55 9.90
C TYR B 244 12.52 -25.00 9.73
N GLU B 245 12.55 -25.53 8.52
CA GLU B 245 13.01 -26.89 8.31
C GLU B 245 14.49 -26.98 8.00
N ILE B 246 15.21 -25.85 7.93
CA ILE B 246 16.64 -25.89 7.59
C ILE B 246 17.43 -26.40 8.78
N ASP B 247 18.71 -26.71 8.55
CA ASP B 247 19.54 -27.35 9.58
C ASP B 247 19.65 -26.48 10.82
N ILE B 248 19.74 -25.16 10.65
CA ILE B 248 20.10 -24.30 11.77
C ILE B 248 18.94 -24.08 12.73
N PHE B 249 17.73 -24.56 12.41
CA PHE B 249 16.59 -24.48 13.31
C PHE B 249 16.24 -25.79 14.01
N GLN B 250 16.85 -26.92 13.63
CA GLN B 250 16.36 -28.24 14.05
C GLN B 250 16.54 -28.47 15.55
N ASN B 251 17.74 -28.23 16.08
CA ASN B 251 17.94 -28.45 17.52
C ASN B 251 17.05 -27.54 18.35
N LEU B 252 16.82 -26.31 17.90
CA LEU B 252 15.91 -25.41 18.62
C LEU B 252 14.50 -25.97 18.67
N VAL B 253 13.97 -26.34 17.50
CA VAL B 253 12.59 -26.85 17.45
C VAL B 253 12.49 -28.18 18.20
N LYS B 254 13.53 -29.02 18.11
CA LYS B 254 13.54 -30.31 18.79
C LYS B 254 13.55 -30.14 20.30
N THR B 255 14.35 -29.20 20.82
CA THR B 255 14.37 -28.92 22.25
C THR B 255 13.04 -28.32 22.70
N ALA B 256 12.50 -27.36 21.94
CA ALA B 256 11.19 -26.81 22.28
C ALA B 256 10.11 -27.89 22.31
N ALA B 257 10.11 -28.80 21.32
CA ALA B 257 9.14 -29.89 21.34
C ALA B 257 9.28 -30.74 22.60
N ALA B 258 10.52 -31.06 23.01
CA ALA B 258 10.71 -31.86 24.21
C ALA B 258 10.17 -31.13 25.43
N LEU B 259 10.41 -29.81 25.50
CA LEU B 259 9.90 -29.03 26.63
C LEU B 259 8.38 -28.98 26.63
N ALA B 260 7.76 -29.04 25.45
CA ALA B 260 6.32 -29.03 25.37
C ALA B 260 5.72 -30.42 25.44
N GLY B 261 6.54 -31.47 25.42
CA GLY B 261 6.00 -32.81 25.44
C GLY B 261 5.24 -33.20 24.18
N THR B 262 5.57 -32.60 23.05
CA THR B 262 4.89 -32.88 21.79
C THR B 262 5.86 -33.51 20.80
N THR B 263 5.30 -34.26 19.86
CA THR B 263 6.06 -34.89 18.79
C THR B 263 5.88 -34.21 17.44
N ASP B 264 4.92 -33.28 17.33
CA ASP B 264 4.69 -32.52 16.11
C ASP B 264 5.78 -31.45 15.93
N LEU B 265 6.89 -31.82 15.29
CA LEU B 265 7.99 -30.89 15.07
C LEU B 265 7.68 -29.77 14.09
N SER B 266 6.50 -29.75 13.49
CA SER B 266 6.09 -28.67 12.60
C SER B 266 5.08 -27.71 13.24
N ASN B 267 4.71 -27.93 14.50
CA ASN B 267 3.72 -27.09 15.17
C ASN B 267 4.15 -25.63 15.10
N SER B 268 3.22 -24.77 14.69
CA SER B 268 3.58 -23.39 14.37
C SER B 268 4.00 -22.62 15.62
N SER B 269 3.48 -22.98 16.81
CA SER B 269 3.90 -22.31 18.04
C SER B 269 5.33 -22.69 18.43
N LEU B 270 5.76 -23.90 18.10
CA LEU B 270 7.17 -24.26 18.22
C LEU B 270 8.05 -23.41 17.32
N ARG B 271 7.63 -23.19 16.06
CA ARG B 271 8.43 -22.37 15.17
C ARG B 271 8.51 -20.93 15.68
N VAL B 272 7.40 -20.39 16.22
CA VAL B 272 7.41 -19.03 16.77
C VAL B 272 8.38 -18.94 17.94
N ILE B 273 8.32 -19.93 18.84
CA ILE B 273 9.24 -19.98 19.97
C ILE B 273 10.69 -20.08 19.47
N ALA B 274 10.93 -20.88 18.42
CA ALA B 274 12.28 -21.00 17.86
C ALA B 274 12.76 -19.69 17.23
N ASP B 275 11.84 -18.95 16.59
CA ASP B 275 12.21 -17.65 16.05
C ASP B 275 12.54 -16.66 17.16
N HIS B 276 11.70 -16.61 18.20
CA HIS B 276 11.82 -15.59 19.23
C HIS B 276 13.06 -15.75 20.10
N ILE B 277 13.51 -16.99 20.34
CA ILE B 277 14.72 -17.13 21.13
C ILE B 277 15.90 -16.56 20.36
N ARG B 278 15.88 -16.66 19.02
CA ARG B 278 16.99 -16.11 18.24
C ARG B 278 17.05 -14.59 18.39
N SER B 279 15.92 -13.91 18.20
CA SER B 279 15.95 -12.46 18.38
C SER B 279 16.17 -12.08 19.85
N CYS B 280 15.52 -12.77 20.79
CA CYS B 280 15.65 -12.35 22.19
C CYS B 280 17.06 -12.59 22.74
N ALA B 281 17.61 -13.78 22.50
CA ALA B 281 18.97 -14.06 22.97
C ALA B 281 20.00 -13.13 22.36
N PHE B 282 19.95 -12.94 21.03
CA PHE B 282 20.94 -12.09 20.36
C PHE B 282 20.79 -10.63 20.78
N LEU B 283 19.56 -10.17 21.04
CA LEU B 283 19.36 -8.80 21.51
C LEU B 283 19.93 -8.60 22.91
N VAL B 284 19.69 -9.54 23.82
CA VAL B 284 20.28 -9.43 25.16
C VAL B 284 21.78 -9.49 25.07
N ALA B 285 22.32 -10.37 24.21
CA ALA B 285 23.76 -10.46 24.08
C ALA B 285 24.35 -9.18 23.53
N ASP B 286 23.56 -8.39 22.80
CA ASP B 286 23.99 -7.09 22.30
C ASP B 286 23.69 -5.95 23.27
N GLY B 287 23.29 -6.24 24.50
CA GLY B 287 23.15 -5.23 25.53
C GLY B 287 21.72 -4.81 25.86
N VAL B 288 20.71 -5.28 25.12
CA VAL B 288 19.32 -4.90 25.37
C VAL B 288 18.78 -5.61 26.60
N LEU B 289 18.03 -4.88 27.43
CA LEU B 289 17.41 -5.43 28.63
C LEU B 289 15.91 -5.17 28.65
N PRO B 290 15.11 -6.10 29.17
CA PRO B 290 13.65 -5.89 29.18
C PRO B 290 13.27 -4.64 29.98
N SER B 291 12.30 -3.89 29.47
CA SER B 291 11.84 -2.68 30.13
C SER B 291 10.49 -2.29 29.54
N ASN B 292 9.94 -1.19 30.03
CA ASN B 292 8.66 -0.69 29.52
C ASN B 292 8.84 0.46 28.55
N GLU B 293 10.04 0.60 27.97
CA GLU B 293 10.32 1.73 27.10
C GLU B 293 11.32 1.32 26.01
N GLY B 294 11.11 1.86 24.81
CA GLY B 294 12.09 1.80 23.73
C GLY B 294 12.50 0.40 23.32
N ARG B 295 13.80 0.20 23.13
CA ARG B 295 14.30 -1.11 22.70
C ARG B 295 13.96 -2.19 23.71
N GLY B 296 14.04 -1.86 25.00
CA GLY B 296 13.74 -2.84 26.03
C GLY B 296 12.28 -3.28 26.02
N TYR B 297 11.36 -2.41 25.59
CA TYR B 297 9.97 -2.84 25.47
C TYR B 297 9.75 -3.72 24.24
N VAL B 298 10.48 -3.49 23.16
CA VAL B 298 10.37 -4.43 22.04
C VAL B 298 10.87 -5.81 22.45
N LEU B 299 12.00 -5.86 23.15
CA LEU B 299 12.49 -7.13 23.67
C LEU B 299 11.44 -7.77 24.59
N ARG B 300 10.92 -7.00 25.55
CA ARG B 300 9.88 -7.50 26.45
C ARG B 300 8.69 -8.08 25.68
N ARG B 301 8.23 -7.36 24.65
CA ARG B 301 7.12 -7.82 23.84
C ARG B 301 7.41 -9.20 23.22
N ILE B 302 8.59 -9.36 22.62
CA ILE B 302 8.90 -10.62 21.93
C ILE B 302 9.04 -11.76 22.94
N VAL B 303 9.70 -11.48 24.07
CA VAL B 303 9.80 -12.48 25.13
C VAL B 303 8.42 -12.95 25.55
N ARG B 304 7.56 -12.01 25.92
CA ARG B 304 6.25 -12.37 26.46
C ARG B 304 5.40 -13.08 25.43
N ARG B 305 5.54 -12.75 24.14
CA ARG B 305 4.77 -13.48 23.13
C ARG B 305 5.26 -14.92 23.00
N ALA B 306 6.57 -15.14 23.13
CA ALA B 306 7.08 -16.50 23.15
C ALA B 306 6.53 -17.28 24.34
N ILE B 307 6.51 -16.66 25.51
CA ILE B 307 5.99 -17.32 26.70
C ILE B 307 4.53 -17.66 26.53
N ARG B 308 3.73 -16.72 26.01
CA ARG B 308 2.32 -16.99 25.75
C ARG B 308 2.14 -18.18 24.82
N HIS B 309 3.07 -18.38 23.87
CA HIS B 309 2.97 -19.54 22.99
C HIS B 309 3.35 -20.82 23.72
N GLY B 310 4.24 -20.74 24.71
CA GLY B 310 4.47 -21.91 25.55
C GLY B 310 3.22 -22.27 26.34
N TYR B 311 2.50 -21.26 26.83
CA TYR B 311 1.23 -21.50 27.50
C TYR B 311 0.25 -22.21 26.58
N ARG B 312 0.16 -21.77 25.32
CA ARG B 312 -0.73 -22.42 24.36
C ARG B 312 -0.40 -23.90 24.21
N LEU B 313 0.89 -24.24 24.18
CA LEU B 313 1.37 -25.61 24.07
C LEU B 313 1.30 -26.36 25.39
N GLY B 314 0.84 -25.70 26.45
CA GLY B 314 0.66 -26.30 27.77
C GLY B 314 1.86 -26.36 28.67
N ILE B 315 2.95 -25.65 28.36
CA ILE B 315 4.15 -25.72 29.19
C ILE B 315 3.87 -25.07 30.54
N GLN B 316 4.20 -25.78 31.61
CA GLN B 316 3.87 -25.39 32.99
C GLN B 316 5.03 -24.75 33.73
N ASP B 317 6.26 -25.15 33.44
CA ASP B 317 7.44 -24.70 34.15
C ASP B 317 8.22 -23.78 33.22
N THR B 318 8.84 -22.78 33.81
CA THR B 318 9.55 -21.78 33.04
C THR B 318 10.58 -22.43 32.12
N PHE B 319 10.52 -22.05 30.83
CA PHE B 319 11.17 -22.81 29.77
C PHE B 319 12.05 -21.95 28.85
N PHE B 320 11.69 -20.68 28.62
CA PHE B 320 12.25 -19.96 27.49
C PHE B 320 13.78 -19.92 27.52
N TYR B 321 14.38 -19.64 28.69
CA TYR B 321 15.85 -19.53 28.81
C TYR B 321 16.57 -20.83 28.46
N LYS B 322 15.88 -21.98 28.56
CA LYS B 322 16.51 -23.27 28.29
C LYS B 322 16.90 -23.41 26.82
N LEU B 323 16.37 -22.58 25.94
CA LEU B 323 16.71 -22.67 24.52
C LEU B 323 17.94 -21.86 24.15
N VAL B 324 18.56 -21.12 25.09
CA VAL B 324 19.78 -20.39 24.76
C VAL B 324 20.93 -21.35 24.50
N ALA B 325 21.03 -22.42 25.30
CA ALA B 325 22.17 -23.33 25.18
C ALA B 325 22.22 -24.01 23.81
N PRO B 326 21.14 -24.59 23.29
CA PRO B 326 21.22 -25.10 21.91
C PRO B 326 21.44 -24.02 20.86
N LEU B 327 20.94 -22.79 21.10
CA LEU B 327 21.22 -21.70 20.17
C LEU B 327 22.71 -21.38 20.13
N ALA B 328 23.33 -21.26 21.32
CA ALA B 328 24.75 -20.95 21.40
C ALA B 328 25.59 -22.07 20.81
N ALA B 329 25.24 -23.31 21.10
CA ALA B 329 25.95 -24.43 20.48
C ALA B 329 25.84 -24.38 18.96
N GLU B 330 24.68 -24.01 18.43
CA GLU B 330 24.48 -24.10 16.99
C GLU B 330 25.16 -22.96 16.24
N MET B 331 25.20 -21.77 16.83
CA MET B 331 25.63 -20.56 16.15
C MET B 331 26.78 -19.88 16.87
N GLY B 332 27.34 -20.51 17.90
CA GLY B 332 28.44 -19.90 18.64
C GLY B 332 29.70 -19.74 17.83
N ALA B 333 29.97 -20.68 16.92
CA ALA B 333 31.13 -20.53 16.04
C ALA B 333 31.05 -19.21 15.28
N ALA B 334 29.88 -18.91 14.72
CA ALA B 334 29.73 -17.68 13.92
C ALA B 334 29.61 -16.43 14.77
N TYR B 335 29.04 -16.52 15.98
CA TYR B 335 28.76 -15.36 16.82
C TYR B 335 29.27 -15.65 18.23
N PRO B 336 30.58 -15.55 18.43
CA PRO B 336 31.15 -15.84 19.75
C PRO B 336 30.60 -14.97 20.87
N GLU B 337 30.14 -13.74 20.57
CA GLU B 337 29.58 -12.93 21.63
C GLU B 337 28.36 -13.60 22.26
N LEU B 338 27.68 -14.50 21.54
CA LEU B 338 26.59 -15.25 22.13
C LEU B 338 27.11 -16.18 23.23
N VAL B 339 28.24 -16.87 22.96
CA VAL B 339 28.81 -17.80 23.94
C VAL B 339 29.32 -17.05 25.16
N LYS B 340 30.01 -15.92 24.97
CA LYS B 340 30.52 -15.17 26.11
C LYS B 340 29.39 -14.69 27.01
N ALA B 341 28.26 -14.32 26.41
CA ALA B 341 27.16 -13.74 27.15
C ALA B 341 26.10 -14.77 27.55
N GLN B 342 26.39 -16.06 27.39
CA GLN B 342 25.35 -17.09 27.52
C GLN B 342 24.68 -17.08 28.90
N GLU B 343 25.48 -17.07 29.98
CA GLU B 343 24.88 -17.11 31.32
C GLU B 343 24.08 -15.85 31.61
N GLN B 344 24.59 -14.69 31.20
CA GLN B 344 23.84 -13.44 31.34
C GLN B 344 22.53 -13.48 30.55
N VAL B 345 22.56 -14.00 29.32
CA VAL B 345 21.34 -14.09 28.53
C VAL B 345 20.31 -14.98 29.23
N GLU B 346 20.76 -16.15 29.70
CA GLU B 346 19.87 -17.08 30.37
C GLU B 346 19.28 -16.46 31.63
N ARG B 347 20.11 -15.80 32.43
CA ARG B 347 19.62 -15.15 33.63
C ARG B 347 18.54 -14.10 33.29
N VAL B 348 18.83 -13.21 32.35
CA VAL B 348 17.87 -12.17 31.98
C VAL B 348 16.57 -12.80 31.45
N LEU B 349 16.67 -13.77 30.55
CA LEU B 349 15.45 -14.36 29.99
C LEU B 349 14.66 -15.13 31.05
N LYS B 350 15.35 -15.82 31.96
CA LYS B 350 14.65 -16.53 33.03
C LYS B 350 13.85 -15.58 33.90
N LYS B 351 14.52 -14.52 34.41
CA LYS B 351 13.86 -13.57 35.29
C LYS B 351 12.66 -12.93 34.61
N GLU B 352 12.78 -12.57 33.33
CA GLU B 352 11.67 -11.91 32.65
C GLU B 352 10.46 -12.84 32.58
N GLU B 353 10.66 -14.13 32.29
CA GLU B 353 9.54 -15.06 32.28
C GLU B 353 8.93 -15.21 33.66
N GLU B 354 9.76 -15.37 34.69
CA GLU B 354 9.21 -15.48 36.04
C GLU B 354 8.42 -14.24 36.40
N ARG B 355 8.88 -13.06 35.98
CA ARG B 355 8.09 -11.85 36.23
C ARG B 355 6.76 -11.89 35.50
N PHE B 356 6.75 -12.26 34.21
CA PHE B 356 5.48 -12.33 33.49
C PHE B 356 4.56 -13.41 34.05
N ALA B 357 5.14 -14.47 34.61
CA ALA B 357 4.34 -15.59 35.11
C ALA B 357 3.49 -15.18 36.31
N GLU B 358 3.84 -14.07 36.98
CA GLU B 358 3.03 -13.62 38.09
C GLU B 358 1.62 -13.24 37.64
N THR B 359 1.46 -12.85 36.37
CA THR B 359 0.15 -12.45 35.86
C THR B 359 -0.31 -13.21 34.62
N LEU B 360 0.53 -14.06 34.01
CA LEU B 360 0.14 -14.67 32.73
C LEU B 360 -1.07 -15.58 32.88
N GLY B 361 -1.04 -16.47 33.87
CA GLY B 361 -2.14 -17.41 34.03
C GLY B 361 -3.47 -16.73 34.26
N GLN B 362 -3.50 -15.77 35.20
CA GLN B 362 -4.73 -15.02 35.48
C GLN B 362 -5.18 -14.22 34.27
N GLY B 363 -4.23 -13.57 33.59
CA GLY B 363 -4.58 -12.84 32.38
C GLY B 363 -5.18 -13.73 31.31
N MET B 364 -4.65 -14.95 31.15
CA MET B 364 -5.21 -15.88 30.16
C MET B 364 -6.62 -16.33 30.54
N LYS B 365 -6.88 -16.54 31.83
CA LYS B 365 -8.23 -16.91 32.25
C LYS B 365 -9.23 -15.83 31.86
N ILE B 366 -8.87 -14.57 32.08
CA ILE B 366 -9.72 -13.46 31.65
C ILE B 366 -9.92 -13.48 30.14
N LEU B 367 -8.86 -13.72 29.38
CA LEU B 367 -8.97 -13.76 27.93
C LEU B 367 -9.86 -14.91 27.48
N GLU B 368 -9.59 -16.12 27.99
CA GLU B 368 -10.35 -17.28 27.56
C GLU B 368 -11.82 -17.15 27.93
N ASN B 369 -12.10 -16.59 29.11
CA ASN B 369 -13.49 -16.37 29.52
C ASN B 369 -14.16 -15.32 28.62
N CYS B 370 -13.44 -14.26 28.27
CA CYS B 370 -13.97 -13.24 27.36
C CYS B 370 -14.32 -13.82 25.98
N VAL B 371 -13.44 -14.66 25.42
CA VAL B 371 -13.68 -15.26 24.11
C VAL B 371 -14.83 -16.26 24.13
N ALA B 372 -15.07 -16.92 25.27
CA ALA B 372 -16.12 -17.91 25.35
C ALA B 372 -17.50 -17.27 25.31
N LYS B 373 -17.65 -16.10 25.94
CA LYS B 373 -18.94 -15.46 26.02
C LYS B 373 -19.10 -14.36 24.98
N LEU B 374 -18.10 -14.17 24.11
CA LEU B 374 -18.08 -13.02 23.23
C LEU B 374 -19.08 -13.20 22.09
N ASP B 375 -19.84 -12.14 21.83
CA ASP B 375 -20.67 -12.03 20.65
C ASP B 375 -19.99 -11.03 19.73
N GLY B 376 -19.83 -11.40 18.47
CA GLY B 376 -19.00 -10.61 17.59
C GLY B 376 -17.58 -11.12 17.56
N HIS B 377 -16.75 -10.43 16.78
CA HIS B 377 -15.39 -10.86 16.49
C HIS B 377 -14.32 -9.95 17.08
N VAL B 378 -14.68 -9.07 18.03
CA VAL B 378 -13.76 -8.02 18.47
C VAL B 378 -13.62 -8.08 20.00
N ILE B 379 -12.42 -8.33 20.48
CA ILE B 379 -12.23 -8.23 21.93
C ILE B 379 -12.31 -6.76 22.33
N PRO B 380 -13.19 -6.39 23.25
CA PRO B 380 -13.45 -4.96 23.51
C PRO B 380 -12.26 -4.25 24.14
N GLY B 381 -12.24 -2.93 23.93
CA GLY B 381 -11.12 -2.11 24.39
C GLY B 381 -10.89 -2.13 25.90
N ASP B 382 -11.94 -2.33 26.69
CA ASP B 382 -11.71 -2.32 28.13
C ASP B 382 -11.05 -3.61 28.59
N VAL B 383 -11.34 -4.74 27.94
CA VAL B 383 -10.62 -5.97 28.22
C VAL B 383 -9.16 -5.83 27.81
N VAL B 384 -8.90 -5.26 26.62
CA VAL B 384 -7.54 -5.05 26.15
C VAL B 384 -6.76 -4.19 27.13
N PHE B 385 -7.37 -3.08 27.60
CA PHE B 385 -6.68 -2.20 28.53
C PHE B 385 -6.45 -2.87 29.88
N LEU B 386 -7.44 -3.61 30.39
CA LEU B 386 -7.26 -4.36 31.63
C LEU B 386 -6.07 -5.31 31.53
N LEU B 387 -5.99 -6.09 30.45
CA LEU B 387 -4.89 -7.06 30.33
C LEU B 387 -3.56 -6.34 30.19
N TYR B 388 -3.55 -5.22 29.50
CA TYR B 388 -2.35 -4.41 29.40
C TYR B 388 -1.97 -3.80 30.74
N ASP B 389 -2.93 -3.16 31.41
CA ASP B 389 -2.62 -2.27 32.53
C ASP B 389 -2.45 -3.04 33.85
N THR B 390 -3.28 -4.05 34.08
CA THR B 390 -3.16 -4.84 35.30
C THR B 390 -2.28 -6.07 35.12
N TYR B 391 -2.29 -6.71 33.94
CA TYR B 391 -1.62 -7.98 33.79
C TYR B 391 -0.37 -7.93 32.92
N GLY B 392 0.06 -6.76 32.46
CA GLY B 392 1.28 -6.63 31.66
C GLY B 392 1.23 -7.25 30.27
N PHE B 393 0.03 -7.41 29.67
CA PHE B 393 -0.11 -7.96 28.32
C PHE B 393 0.06 -6.85 27.30
N PRO B 394 1.13 -6.82 26.53
CA PRO B 394 1.18 -5.89 25.39
C PRO B 394 0.01 -6.13 24.45
N VAL B 395 -0.45 -5.05 23.80
CA VAL B 395 -1.62 -5.15 22.92
C VAL B 395 -1.38 -6.17 21.81
N ASP B 396 -0.17 -6.20 21.24
CA ASP B 396 0.10 -7.14 20.15
C ASP B 396 0.18 -8.58 20.65
N LEU B 397 0.54 -8.78 21.93
CA LEU B 397 0.40 -10.10 22.54
C LEU B 397 -1.07 -10.50 22.62
N THR B 398 -1.92 -9.62 23.16
CA THR B 398 -3.34 -9.92 23.19
C THR B 398 -3.90 -10.10 21.79
N ALA B 399 -3.48 -9.25 20.84
CA ALA B 399 -4.00 -9.35 19.48
C ALA B 399 -3.53 -10.62 18.79
N ASP B 400 -2.33 -11.09 19.13
CA ASP B 400 -1.82 -12.33 18.52
C ASP B 400 -2.59 -13.54 19.04
N PHE B 401 -2.96 -13.53 20.32
CA PHE B 401 -3.89 -14.55 20.82
C PHE B 401 -5.22 -14.48 20.05
N ALA B 402 -5.79 -13.28 19.89
CA ALA B 402 -7.09 -13.15 19.25
C ALA B 402 -7.05 -13.67 17.81
N ARG B 403 -5.96 -13.39 17.09
CA ARG B 403 -5.81 -13.87 15.73
C ARG B 403 -6.00 -15.39 15.64
N GLU B 404 -5.49 -16.13 16.62
CA GLU B 404 -5.61 -17.58 16.60
C GLU B 404 -7.05 -18.06 16.72
N HIS B 405 -7.97 -17.20 17.12
CA HIS B 405 -9.38 -17.60 17.17
C HIS B 405 -10.20 -16.78 16.19
N ASN B 406 -9.55 -16.26 15.14
CA ASN B 406 -10.19 -15.49 14.09
C ASN B 406 -10.94 -14.29 14.65
N LEU B 407 -10.34 -13.67 15.66
CA LEU B 407 -10.87 -12.48 16.34
C LEU B 407 -9.90 -11.34 16.16
N SER B 408 -10.41 -10.13 16.29
CA SER B 408 -9.52 -8.99 16.33
C SER B 408 -9.67 -8.29 17.69
N VAL B 409 -9.03 -7.14 17.80
CA VAL B 409 -8.98 -6.41 19.07
C VAL B 409 -9.30 -4.95 18.80
N ASP B 410 -9.97 -4.29 19.75
CA ASP B 410 -10.41 -2.90 19.56
C ASP B 410 -9.24 -1.98 19.91
N HIS B 411 -8.37 -1.70 18.92
CA HIS B 411 -7.23 -0.82 19.15
C HIS B 411 -7.68 0.59 19.49
N ALA B 412 -8.61 1.14 18.69
CA ALA B 412 -9.12 2.47 18.96
C ALA B 412 -9.70 2.57 20.37
N GLY B 413 -10.50 1.57 20.77
CA GLY B 413 -11.00 1.54 22.13
C GLY B 413 -9.90 1.44 23.18
N PHE B 414 -8.87 0.65 22.91
CA PHE B 414 -7.75 0.57 23.82
C PHE B 414 -7.07 1.93 23.95
N GLU B 415 -6.87 2.62 22.82
CA GLU B 415 -6.23 3.94 22.83
C GLU B 415 -7.06 4.95 23.63
N VAL B 416 -8.39 4.89 23.49
CA VAL B 416 -9.24 5.78 24.26
C VAL B 416 -9.05 5.54 25.76
N GLU B 417 -8.95 4.26 26.16
CA GLU B 417 -8.69 3.94 27.56
C GLU B 417 -7.35 4.52 28.02
N MET B 418 -6.34 4.51 27.16
CA MET B 418 -5.02 5.01 27.53
C MET B 418 -5.02 6.52 27.74
N SER B 419 -5.75 7.25 26.90
CA SER B 419 -5.87 8.70 27.07
C SER B 419 -6.55 9.03 28.38
N ALA B 420 -7.60 8.29 28.72
CA ALA B 420 -8.25 8.46 30.02
C ALA B 420 -7.32 8.17 31.18
N GLN B 421 -6.40 7.21 31.03
CA GLN B 421 -5.48 6.90 32.11
C GLN B 421 -4.44 7.99 32.29
N ARG B 422 -3.92 8.55 31.18
CA ARG B 422 -2.98 9.67 31.28
C ARG B 422 -3.60 10.87 31.98
N ASP B 423 -4.90 11.09 31.81
CA ASP B 423 -5.55 12.18 32.52
C ASP B 423 -5.55 11.96 34.03
N ARG B 424 -5.61 10.70 34.46
CA ARG B 424 -5.47 10.34 35.87
C ARG B 424 -3.99 10.40 36.26
N ALA B 425 -3.32 11.51 35.89
CA ALA B 425 -1.90 11.75 36.20
C ALA B 425 -1.54 13.22 35.95
PG ATP C . -11.66 5.64 1.27
O1G ATP C . -11.98 4.24 1.77
O2G ATP C . -11.65 6.70 2.37
O3G ATP C . -10.54 5.70 0.24
PB ATP C . -13.56 5.47 -0.92
O1B ATP C . -12.70 5.84 -2.09
O2B ATP C . -13.85 4.01 -0.61
O3B ATP C . -12.95 6.15 0.41
PA ATP C . -15.17 7.83 -1.25
O1A ATP C . -15.94 8.48 -0.14
O2A ATP C . -13.87 8.41 -1.73
O3A ATP C . -14.98 6.26 -0.87
O5' ATP C . -16.14 7.70 -2.56
C5' ATP C . -17.53 7.51 -2.37
C4' ATP C . -18.12 6.80 -3.57
O4' ATP C . -17.95 7.55 -4.77
C3' ATP C . -17.45 5.47 -3.86
O3' ATP C . -18.07 4.45 -3.07
C2' ATP C . -17.70 5.28 -5.33
O2' ATP C . -19.03 4.78 -5.54
C1' ATP C . -17.67 6.69 -5.87
N9 ATP C . -16.36 7.12 -6.45
C8 ATP C . -15.26 7.50 -5.77
N7 ATP C . -14.26 7.84 -6.62
C5 ATP C . -14.74 7.70 -7.87
C6 ATP C . -14.22 7.89 -9.24
N6 ATP C . -12.96 8.34 -9.38
N1 ATP C . -15.03 7.62 -10.30
C2 ATP C . -16.29 7.20 -10.12
N3 ATP C . -16.82 6.99 -8.90
C4 ATP C . -16.11 7.23 -7.76
N ALA D . -16.18 10.54 0.81
CA ALA D . -15.45 10.99 2.01
C ALA D . -13.91 10.87 1.94
O ALA D . -13.33 9.83 2.32
CB ALA D . -15.95 10.21 3.18
OXT ALA D . -13.17 11.79 1.54
C1 CIT E . -1.81 29.47 -9.68
O1 CIT E . -1.18 30.53 -9.97
O2 CIT E . -1.17 28.47 -9.27
C2 CIT E . -3.30 29.39 -9.83
C3 CIT E . -3.73 29.11 -11.29
O7 CIT E . -3.69 27.66 -11.50
C4 CIT E . -5.17 29.59 -11.45
C5 CIT E . -5.82 29.00 -12.69
O3 CIT E . -5.16 28.91 -13.76
O4 CIT E . -7.02 28.62 -12.65
C6 CIT E . -2.81 29.83 -12.30
O5 CIT E . -1.75 29.31 -12.75
O6 CIT E . -3.10 30.99 -12.72
C TRS F . -12.67 2.95 -5.12
C1 TRS F . -13.27 1.82 -5.97
C2 TRS F . -13.62 4.15 -5.11
C3 TRS F . -11.32 3.34 -5.72
N TRS F . -12.45 2.45 -3.77
O1 TRS F . -12.61 1.81 -7.23
O2 TRS F . -13.61 4.79 -3.84
O3 TRS F . -10.75 2.17 -6.26
PG ATP G . -19.25 -4.89 -21.16
O1G ATP G . -18.26 -3.75 -21.35
O2G ATP G . -18.98 -5.74 -19.93
O3G ATP G . -20.69 -4.47 -21.34
PB ATP G . -19.08 -5.59 -23.96
O1B ATP G . -19.56 -6.85 -24.64
O2B ATP G . -19.85 -4.30 -24.13
O3B ATP G . -18.93 -5.93 -22.38
PA ATP G . -16.96 -4.42 -25.54
O1A ATP G . -15.44 -4.58 -25.57
O2A ATP G . -17.78 -4.68 -26.78
O3A ATP G . -17.51 -5.37 -24.34
O5' ATP G . -17.28 -2.92 -25.04
C5' ATP G . -16.25 -2.10 -24.47
C4' ATP G . -16.80 -0.77 -23.96
O4' ATP G . -17.38 0.07 -24.98
C3' ATP G . -17.92 -0.91 -22.95
O3' ATP G . -17.44 -1.30 -21.65
C2' ATP G . -18.55 0.47 -22.96
O2' ATP G . -17.96 1.35 -22.00
C1' ATP G . -18.23 1.03 -24.33
N9 ATP G . -19.54 1.28 -25.02
C8 ATP G . -20.36 2.32 -24.75
N7 ATP G . -21.49 2.27 -25.51
C5 ATP G . -21.39 1.17 -26.30
C6 ATP G . -22.22 0.55 -27.36
N6 ATP G . -23.42 1.07 -27.73
N1 ATP G . -21.75 -0.59 -27.94
C2 ATP G . -20.56 -1.14 -27.58
N3 ATP G . -19.76 -0.62 -26.63
C4 ATP G . -20.10 0.53 -25.97
PG ATP H . 13.04 -3.24 -0.24
O1G ATP H . 13.83 -3.20 -1.53
O2G ATP H . 13.29 -2.00 0.60
O3G ATP H . 11.58 -3.58 -0.43
PB ATP H . 13.35 -6.05 0.43
O1B ATP H . 12.53 -6.61 1.57
O2B ATP H . 12.93 -6.25 -1.01
O3B ATP H . 13.62 -4.46 0.67
PA ATP H . 15.79 -6.33 1.87
O1A ATP H . 17.01 -5.67 1.28
O2A ATP H . 14.94 -5.61 2.87
O3A ATP H . 14.84 -6.68 0.59
O5' ATP H . 16.25 -7.77 2.47
C5' ATP H . 17.18 -8.55 1.73
C4' ATP H . 16.87 -10.04 1.80
O4' ATP H . 16.80 -10.47 3.16
C3' ATP H . 15.51 -10.39 1.20
O3' ATP H . 15.57 -10.67 -0.20
C2' ATP H . 15.08 -11.60 2.00
O2' ATP H . 15.58 -12.83 1.44
C1' ATP H . 15.78 -11.44 3.33
N9 ATP H . 14.82 -11.00 4.38
C8 ATP H . 14.33 -9.75 4.53
N7 ATP H . 13.49 -9.69 5.60
C5 ATP H . 13.46 -10.91 6.16
C6 ATP H . 12.78 -11.55 7.32
N6 ATP H . 11.95 -10.86 8.13
N1 ATP H . 13.02 -12.85 7.55
C2 ATP H . 13.82 -13.57 6.75
N3 ATP H . 14.48 -13.06 5.69
C4 ATP H . 14.33 -11.76 5.35
N ALA I . 18.66 -4.31 2.64
CA ALA I . 18.79 -2.87 2.40
C ALA I . 17.56 -2.05 2.81
O ALA I . 17.69 -1.01 3.48
CB ALA I . 19.09 -2.63 0.95
OXT ALA I . 16.39 -2.37 2.51
C1 GOL J . 30.38 -19.21 7.63
O1 GOL J . 29.88 -19.89 8.75
C2 GOL J . 31.24 -17.95 7.85
O2 GOL J . 30.85 -16.99 6.89
C3 GOL J . 31.19 -17.31 9.24
O3 GOL J . 31.54 -15.94 9.14
C1 GOL K . 30.67 -12.27 11.51
O1 GOL K . 30.59 -11.09 12.28
C2 GOL K . 29.28 -12.88 11.35
O2 GOL K . 28.72 -12.57 10.11
C3 GOL K . 29.25 -14.39 11.59
O3 GOL K . 30.57 -14.90 11.70
C TRS L . 9.78 -9.58 0.90
C1 TRS L . 9.10 -8.70 1.97
C2 TRS L . 9.56 -11.08 1.13
C3 TRS L . 11.29 -9.31 0.93
N TRS L . 9.18 -9.25 -0.41
O1 TRS L . 7.73 -9.02 2.09
O2 TRS L . 8.59 -11.30 2.14
O3 TRS L . 11.74 -8.77 2.16
C1 CIT M . 15.18 3.42 26.56
O1 CIT M . 15.09 3.93 27.71
O2 CIT M . 14.39 3.84 25.67
C2 CIT M . 16.22 2.36 26.20
C3 CIT M . 16.04 0.99 26.88
O7 CIT M . 15.15 0.21 26.03
C4 CIT M . 17.41 0.28 26.94
C5 CIT M . 17.29 -1.22 27.24
O3 CIT M . 16.36 -1.66 27.97
O4 CIT M . 18.13 -2.04 26.81
C6 CIT M . 15.42 1.08 28.30
O5 CIT M . 14.22 1.36 28.51
O6 CIT M . 16.15 0.87 29.31
C1 GOL N . -0.83 -5.05 17.18
O1 GOL N . -1.41 -4.71 18.44
C2 GOL N . -1.42 -6.35 16.63
O2 GOL N . -2.29 -6.10 15.52
C3 GOL N . -0.34 -7.40 16.33
O3 GOL N . -0.40 -8.60 17.13
#